data_4Z94
#
_entry.id   4Z94
#
_cell.length_a   71.234
_cell.length_b   70.799
_cell.length_c   81.324
_cell.angle_alpha   90.00
_cell.angle_beta   101.74
_cell.angle_gamma   90.00
#
_symmetry.space_group_name_H-M   'P 1 21 1'
#
loop_
_entity.id
_entity.type
_entity.pdbx_description
1 polymer 'Actin, alpha skeletal muscle'
2 polymer 'Gelsolin, Tropomodulin-1, Leiomodin-1 chimera'
3 non-polymer "ADENOSINE-5'-TRIPHOSPHATE"
4 non-polymer 'CALCIUM ION'
5 water water
#
loop_
_entity_poly.entity_id
_entity_poly.type
_entity_poly.pdbx_seq_one_letter_code
_entity_poly.pdbx_strand_id
1 'polypeptide(L)'
;MCDEDETTALVCDNGSGLVKAGFAGDDAPRAVFPSIVGRPRHQGVMVGMGQKDSYVGDEAQSKRGILTLKYPIE(HIC)G
IITNWDDMEKIWHHTFYNELRVAPEEHPTLLTEAPLNPKANREKMTQIMFETFNVPAMYVAIQAVLSLYASGRTTGIVLD
SGDGVTHNVPIYEGYALPHAIMRLDLAGRDLTDYLMKILTERGYSFVTTAEREIVRDIKEKLCYVALDFENEMATAASSS
SLEKSYELPDGQVITIGNERFRCPETLFQPSFIGMESAGIHETTYNSIMKCDIDIRKDLYANNVMSGGTTMYPGIADRMQ
KEITALAPSTMKIKIIAPPERKYSVWIGGSILASLSTFQQMWITKQEYDEAGPSIVHRKCF
;
A
2 'polypeptide(L)'
;MVVEHPEFLKAGKEPGLQIWRVEKFDLVPVPTNLYGDFFTGDAYVILKTVQLRNGNLQYDLHYWLGNECSQDESGAAAIF
TVQLDDYLNGRAVQHREVQGFESATFLGYFKSGLKYKKGGVASGFGGSGGSGGSGLNSVIKPTQYKPVPDEEPNSTDVEE
TLERIKNNDPKLEEVNLNNIRNIPIPTLKAYAEALKENSYVKKFALANTRADDHVAFAIAIMLKANKTITSLNLDSNHIT
GKGILAIFRALLQNNTLTELRFHNQRHICGGKTEMEIAKLLKENTTLLKLGYHFELAGPRMTVTNLLSRNMDKQRQKRLQ
EQRQAQ
;
G
#
loop_
_chem_comp.id
_chem_comp.type
_chem_comp.name
_chem_comp.formula
ATP non-polymer ADENOSINE-5'-TRIPHOSPHATE 'C10 H16 N5 O13 P3'
CA non-polymer 'CALCIUM ION' 'Ca 2'
#
# COMPACT_ATOMS: atom_id res chain seq x y z
N THR A 7 -17.48 -8.43 -12.47
CA THR A 7 -18.26 -9.32 -11.59
C THR A 7 -17.63 -9.39 -10.18
N THR A 8 -16.53 -10.12 -10.05
CA THR A 8 -15.78 -10.12 -8.81
C THR A 8 -14.85 -8.92 -8.71
N ALA A 9 -14.63 -8.48 -7.49
CA ALA A 9 -13.77 -7.36 -7.15
C ALA A 9 -12.41 -7.85 -6.66
N LEU A 10 -11.39 -7.08 -6.97
CA LEU A 10 -10.03 -7.37 -6.53
C LEU A 10 -9.62 -6.47 -5.37
N VAL A 11 -8.87 -7.01 -4.44
CA VAL A 11 -8.29 -6.23 -3.37
CA VAL A 11 -8.30 -6.23 -3.38
C VAL A 11 -6.76 -6.27 -3.44
N CYS A 12 -6.15 -5.09 -3.51
CA CYS A 12 -4.70 -4.93 -3.49
CA CYS A 12 -4.68 -4.93 -3.47
C CYS A 12 -4.24 -4.09 -2.29
N ASP A 13 -3.51 -4.69 -1.37
CA ASP A 13 -2.93 -3.93 -0.28
C ASP A 13 -1.42 -3.87 -0.41
N ASN A 14 -0.96 -2.69 -0.83
CA ASN A 14 0.42 -2.49 -1.27
C ASN A 14 1.13 -1.84 -0.11
N GLY A 15 2.03 -2.58 0.51
CA GLY A 15 2.80 -2.05 1.61
C GLY A 15 4.25 -1.90 1.22
N SER A 16 5.06 -1.47 2.18
CA SER A 16 6.43 -1.09 1.91
C SER A 16 7.29 -2.28 1.63
N GLY A 17 7.07 -3.34 2.40
CA GLY A 17 7.70 -4.62 2.13
C GLY A 17 6.97 -5.71 1.39
N LEU A 18 5.63 -5.71 1.47
CA LEU A 18 4.83 -6.82 1.00
C LEU A 18 3.57 -6.34 0.30
N VAL A 19 3.30 -6.97 -0.85
CA VAL A 19 2.02 -6.89 -1.51
C VAL A 19 1.15 -7.95 -0.89
N LYS A 20 -0.05 -7.56 -0.50
CA LYS A 20 -1.08 -8.48 -0.14
C LYS A 20 -2.14 -8.25 -1.16
N ALA A 21 -2.52 -9.28 -1.89
CA ALA A 21 -3.44 -9.12 -2.97
C ALA A 21 -4.36 -10.33 -3.11
N GLY A 22 -5.54 -10.12 -3.67
CA GLY A 22 -6.55 -11.15 -3.67
C GLY A 22 -7.89 -10.70 -4.18
N PHE A 23 -8.91 -11.49 -3.86
CA PHE A 23 -10.29 -11.34 -4.37
C PHE A 23 -11.22 -11.04 -3.22
N ALA A 24 -12.12 -10.11 -3.46
CA ALA A 24 -13.08 -9.63 -2.48
C ALA A 24 -14.03 -10.78 -2.13
N GLY A 25 -14.27 -11.02 -0.85
CA GLY A 25 -15.08 -12.17 -0.43
C GLY A 25 -14.26 -13.29 0.18
N ASP A 26 -12.97 -13.28 -0.11
CA ASP A 26 -12.05 -14.28 0.38
C ASP A 26 -11.70 -13.83 1.78
N ASP A 27 -11.35 -14.76 2.65
CA ASP A 27 -11.02 -14.44 4.03
C ASP A 27 -9.52 -14.14 4.10
N ALA A 28 -8.88 -14.09 2.95
CA ALA A 28 -7.43 -14.01 2.91
C ALA A 28 -6.87 -13.79 1.53
N PRO A 29 -5.73 -13.10 1.47
CA PRO A 29 -5.13 -12.81 0.18
C PRO A 29 -4.56 -14.04 -0.52
N ARG A 30 -4.74 -14.08 -1.82
CA ARG A 30 -4.27 -15.16 -2.65
C ARG A 30 -2.79 -15.04 -2.88
N ALA A 31 -2.27 -13.81 -2.85
CA ALA A 31 -0.86 -13.54 -3.14
C ALA A 31 -0.31 -12.67 -2.08
N VAL A 32 0.81 -13.09 -1.52
CA VAL A 32 1.56 -12.26 -0.61
C VAL A 32 2.99 -12.36 -1.00
N PHE A 33 3.60 -11.28 -1.49
CA PHE A 33 4.98 -11.34 -1.98
C PHE A 33 5.77 -10.04 -1.81
N PRO A 34 7.11 -10.13 -1.78
CA PRO A 34 7.98 -8.96 -1.59
C PRO A 34 7.73 -7.88 -2.60
N SER A 35 7.67 -6.65 -2.12
CA SER A 35 7.36 -5.59 -3.04
C SER A 35 8.68 -4.95 -3.36
N ILE A 36 9.22 -5.43 -4.48
CA ILE A 36 10.59 -5.13 -4.88
C ILE A 36 10.71 -5.35 -6.37
N VAL A 37 11.72 -4.70 -6.95
CA VAL A 37 12.06 -4.88 -8.33
C VAL A 37 13.58 -4.96 -8.38
N GLY A 38 14.10 -6.10 -8.85
CA GLY A 38 15.52 -6.28 -8.99
C GLY A 38 16.04 -5.94 -10.39
N ARG A 39 17.30 -5.56 -10.42
CA ARG A 39 17.99 -5.22 -11.65
C ARG A 39 19.42 -5.67 -11.46
N PRO A 40 20.14 -5.87 -12.57
CA PRO A 40 21.48 -6.47 -12.43
C PRO A 40 22.44 -5.58 -11.68
N ARG A 41 23.18 -6.22 -10.78
CA ARG A 41 24.18 -5.55 -9.99
C ARG A 41 25.43 -5.17 -10.78
N HIS A 42 25.86 -3.90 -10.72
CA HIS A 42 27.27 -3.61 -10.92
C HIS A 42 27.79 -3.81 -9.49
N GLN A 43 28.69 -4.75 -9.22
CA GLN A 43 29.56 -5.42 -10.19
C GLN A 43 29.28 -6.93 -10.33
N GLY A 44 29.24 -7.40 -11.58
CA GLY A 44 28.50 -8.60 -11.92
C GLY A 44 28.54 -8.98 -13.39
N VAL A 45 27.54 -9.76 -13.77
CA VAL A 45 27.66 -10.70 -14.88
C VAL A 45 26.58 -10.66 -16.01
N MET A 46 25.31 -10.88 -15.63
CA MET A 46 24.41 -11.89 -16.22
C MET A 46 23.77 -11.80 -17.64
N VAL A 47 23.97 -12.88 -18.41
CA VAL A 47 23.27 -13.13 -19.68
C VAL A 47 21.96 -13.95 -19.47
N GLY A 48 21.83 -14.50 -18.28
CA GLY A 48 20.63 -15.18 -17.84
C GLY A 48 19.35 -14.34 -17.94
N MET A 49 19.47 -13.02 -17.80
CA MET A 49 18.30 -12.15 -17.90
C MET A 49 17.65 -12.16 -19.28
N GLY A 50 18.37 -12.65 -20.27
CA GLY A 50 17.79 -12.67 -21.60
C GLY A 50 17.55 -11.25 -22.07
N GLN A 51 16.29 -10.96 -22.35
CA GLN A 51 15.86 -9.65 -22.78
C GLN A 51 15.26 -8.74 -21.69
N LYS A 52 15.28 -9.17 -20.43
CA LYS A 52 14.58 -8.44 -19.35
C LYS A 52 15.38 -7.35 -18.70
N ASP A 53 14.75 -6.20 -18.45
CA ASP A 53 15.44 -5.15 -17.74
C ASP A 53 15.38 -5.42 -16.25
N SER A 54 14.44 -6.24 -15.83
CA SER A 54 14.23 -6.46 -14.39
C SER A 54 13.48 -7.73 -14.06
N TYR A 55 13.65 -8.14 -12.82
CA TYR A 55 12.85 -9.14 -12.16
C TYR A 55 12.01 -8.43 -11.07
N VAL A 56 10.76 -8.89 -10.91
CA VAL A 56 9.83 -8.40 -9.92
C VAL A 56 9.46 -9.52 -8.91
N GLY A 57 9.06 -9.12 -7.71
CA GLY A 57 8.48 -10.04 -6.75
C GLY A 57 9.35 -11.18 -6.26
N ASP A 58 8.72 -12.35 -6.17
CA ASP A 58 9.35 -13.56 -5.66
C ASP A 58 10.61 -13.90 -6.46
N GLU A 59 10.48 -13.70 -7.77
CA GLU A 59 11.53 -14.00 -8.70
C GLU A 59 12.79 -13.27 -8.28
N ALA A 60 12.65 -11.96 -8.10
CA ALA A 60 13.76 -11.10 -7.71
C ALA A 60 14.29 -11.46 -6.33
N GLN A 61 13.42 -11.95 -5.45
CA GLN A 61 13.86 -12.32 -4.13
C GLN A 61 14.83 -13.50 -4.23
N SER A 62 14.52 -14.43 -5.15
CA SER A 62 15.36 -15.59 -5.39
C SER A 62 16.80 -15.18 -5.68
N LYS A 63 16.90 -14.23 -6.60
CA LYS A 63 18.13 -13.81 -7.25
C LYS A 63 18.85 -12.69 -6.54
N ARG A 64 18.38 -12.39 -5.32
CA ARG A 64 18.86 -11.27 -4.52
C ARG A 64 20.36 -11.21 -4.47
N GLY A 65 20.98 -12.38 -4.58
CA GLY A 65 22.42 -12.47 -4.64
C GLY A 65 22.97 -11.57 -5.73
N ILE A 66 22.49 -11.76 -6.96
CA ILE A 66 23.10 -11.09 -8.12
C ILE A 66 22.42 -9.78 -8.54
N LEU A 67 21.36 -9.40 -7.83
CA LEU A 67 20.60 -8.18 -8.11
C LEU A 67 20.74 -7.16 -7.02
N THR A 68 20.65 -5.91 -7.42
CA THR A 68 20.44 -4.81 -6.47
CA THR A 68 20.45 -4.83 -6.47
C THR A 68 18.94 -4.54 -6.39
N LEU A 69 18.35 -4.87 -5.24
CA LEU A 69 16.92 -4.72 -5.02
C LEU A 69 16.46 -3.29 -4.65
N LYS A 70 15.29 -2.91 -5.14
CA LYS A 70 14.70 -1.57 -4.87
C LYS A 70 13.20 -1.67 -4.58
N TYR A 71 12.78 -0.95 -3.54
CA TYR A 71 11.37 -0.91 -3.12
C TYR A 71 10.62 0.34 -3.64
N PRO A 72 9.56 0.14 -4.41
CA PRO A 72 8.84 1.31 -4.92
C PRO A 72 8.04 2.07 -3.87
N ILE A 73 7.76 1.41 -2.74
CA ILE A 73 7.03 2.06 -1.66
C ILE A 73 8.01 2.28 -0.53
N GLU A 74 8.08 3.52 -0.03
CA GLU A 74 9.01 3.88 1.04
C GLU A 74 8.26 4.53 2.18
N HIC A 75 8.36 3.98 3.39
CA HIC A 75 7.59 4.55 4.49
C HIC A 75 6.09 4.59 4.20
O HIC A 75 5.28 5.44 4.61
CB HIC A 75 8.06 5.94 4.90
CG HIC A 75 9.49 5.97 5.25
ND1 HIC A 75 10.14 5.08 6.15
CD2 HIC A 75 10.44 6.85 4.72
CE1 HIC A 75 11.45 5.41 6.13
NE2 HIC A 75 11.66 6.49 5.28
CZ HIC A 75 12.84 7.14 5.03
HA HIC A 75 7.75 3.85 5.38
HB2 HIC A 75 7.45 6.28 5.79
HB3 HIC A 75 7.87 6.67 4.06
HD2 HIC A 75 10.35 7.66 4.01
HE1 HIC A 75 12.24 4.94 6.73
HZ1 HIC A 75 13.15 7.75 5.93
HZ2 HIC A 75 12.72 7.83 4.15
HZ3 HIC A 75 13.65 6.40 4.81
N GLY A 76 5.67 3.61 3.41
CA GLY A 76 4.27 3.35 3.16
C GLY A 76 3.78 4.20 2.02
N ILE A 77 4.64 5.09 1.51
CA ILE A 77 4.35 5.98 0.37
C ILE A 77 4.99 5.51 -0.97
N ILE A 78 4.25 5.62 -2.08
CA ILE A 78 4.83 5.35 -3.41
C ILE A 78 5.84 6.45 -3.77
N THR A 79 7.03 6.00 -4.13
CA THR A 79 8.16 6.86 -4.46
C THR A 79 8.65 6.55 -5.87
N ASN A 80 8.86 5.28 -6.21
CA ASN A 80 9.24 4.96 -7.61
C ASN A 80 8.05 4.41 -8.41
N TRP A 81 7.51 5.25 -9.28
CA TRP A 81 6.20 4.98 -9.90
C TRP A 81 6.32 3.99 -11.02
N ASP A 82 7.44 3.98 -11.72
CA ASP A 82 7.58 3.04 -12.80
C ASP A 82 7.68 1.64 -12.27
N ASP A 83 8.41 1.45 -11.19
CA ASP A 83 8.37 0.13 -10.55
C ASP A 83 7.04 -0.21 -9.84
N MET A 84 6.32 0.79 -9.33
CA MET A 84 4.97 0.53 -8.83
C MET A 84 4.08 -0.05 -9.93
N GLU A 85 4.06 0.54 -11.14
CA GLU A 85 3.36 -0.11 -12.24
C GLU A 85 3.76 -1.55 -12.44
N LYS A 86 5.05 -1.81 -12.42
CA LYS A 86 5.54 -3.17 -12.59
C LYS A 86 4.89 -4.05 -11.61
N ILE A 87 4.92 -3.61 -10.35
CA ILE A 87 4.42 -4.44 -9.27
C ILE A 87 2.97 -4.74 -9.52
N TRP A 88 2.23 -3.69 -9.85
CA TRP A 88 0.82 -3.84 -10.08
C TRP A 88 0.58 -4.80 -11.24
N HIS A 89 1.33 -4.64 -12.33
CA HIS A 89 1.18 -5.50 -13.48
C HIS A 89 1.43 -6.97 -13.11
N HIS A 90 2.57 -7.25 -12.47
CA HIS A 90 2.86 -8.58 -11.96
C HIS A 90 1.73 -9.15 -11.12
N THR A 91 1.18 -8.32 -10.25
CA THR A 91 0.12 -8.76 -9.36
C THR A 91 -1.06 -9.28 -10.18
N PHE A 92 -1.55 -8.47 -11.11
CA PHE A 92 -2.70 -8.84 -11.95
C PHE A 92 -2.46 -10.08 -12.82
N TYR A 93 -1.42 -9.98 -13.62
CA TYR A 93 -1.19 -10.93 -14.68
C TYR A 93 -0.49 -12.21 -14.22
N ASN A 94 0.53 -12.07 -13.39
CA ASN A 94 1.35 -13.20 -12.99
C ASN A 94 0.95 -13.92 -11.71
N GLU A 95 0.07 -13.32 -10.92
CA GLU A 95 -0.16 -13.79 -9.55
C GLU A 95 -1.63 -14.10 -9.37
N LEU A 96 -2.47 -13.10 -9.57
CA LEU A 96 -3.92 -13.29 -9.61
C LEU A 96 -4.37 -13.87 -10.93
N ARG A 97 -3.52 -13.72 -11.95
CA ARG A 97 -3.82 -14.21 -13.29
C ARG A 97 -5.19 -13.73 -13.77
N VAL A 98 -5.38 -12.42 -13.89
CA VAL A 98 -6.67 -11.88 -14.25
C VAL A 98 -6.51 -10.79 -15.27
N ALA A 99 -7.62 -10.41 -15.89
CA ALA A 99 -7.57 -9.34 -16.83
C ALA A 99 -8.14 -8.13 -16.13
N PRO A 100 -7.27 -7.19 -15.75
CA PRO A 100 -7.64 -6.10 -14.83
C PRO A 100 -8.77 -5.25 -15.36
N GLU A 101 -8.95 -5.23 -16.68
CA GLU A 101 -10.02 -4.41 -17.27
C GLU A 101 -11.38 -5.03 -17.01
N GLU A 102 -11.37 -6.25 -16.47
CA GLU A 102 -12.59 -6.92 -16.07
C GLU A 102 -12.98 -6.83 -14.58
N HIS A 103 -12.16 -6.21 -13.73
CA HIS A 103 -12.53 -6.21 -12.32
C HIS A 103 -12.49 -4.85 -11.66
N PRO A 104 -13.55 -4.54 -10.88
CA PRO A 104 -13.47 -3.40 -9.98
C PRO A 104 -12.28 -3.65 -9.08
N THR A 105 -11.51 -2.62 -8.82
CA THR A 105 -10.29 -2.79 -8.06
C THR A 105 -10.15 -1.78 -6.92
N LEU A 106 -10.00 -2.35 -5.73
CA LEU A 106 -9.82 -1.59 -4.52
C LEU A 106 -8.33 -1.56 -4.18
N LEU A 107 -7.80 -0.37 -3.87
CA LEU A 107 -6.40 -0.23 -3.54
C LEU A 107 -6.35 0.37 -2.13
N THR A 108 -5.18 0.29 -1.50
CA THR A 108 -5.00 0.88 -0.20
C THR A 108 -3.89 1.90 -0.25
N GLU A 109 -3.90 2.77 0.74
CA GLU A 109 -2.89 3.80 0.90
C GLU A 109 -2.58 4.15 2.35
N ALA A 110 -1.47 4.82 2.55
CA ALA A 110 -1.13 5.31 3.84
C ALA A 110 -2.00 6.49 4.16
N PRO A 111 -2.23 6.78 5.45
CA PRO A 111 -3.15 7.81 5.96
C PRO A 111 -2.96 9.26 5.46
N LEU A 112 -1.71 9.71 5.52
CA LEU A 112 -1.25 11.06 5.11
C LEU A 112 -0.74 11.04 3.63
N ASN A 113 -1.06 10.00 2.87
CA ASN A 113 -0.57 9.96 1.50
C ASN A 113 -0.80 11.31 0.84
N PRO A 114 0.25 11.90 0.25
CA PRO A 114 0.10 13.20 -0.44
C PRO A 114 -0.97 13.22 -1.51
N LYS A 115 -1.71 14.33 -1.67
CA LYS A 115 -2.82 14.45 -2.65
C LYS A 115 -2.48 13.93 -4.05
N ALA A 116 -1.38 14.40 -4.60
CA ALA A 116 -1.02 14.05 -5.97
C ALA A 116 -0.78 12.54 -6.16
N ASN A 117 -0.27 11.84 -5.14
CA ASN A 117 -0.14 10.39 -5.29
C ASN A 117 -1.45 9.65 -5.35
N ARG A 118 -2.44 10.15 -4.65
CA ARG A 118 -3.74 9.50 -4.72
C ARG A 118 -4.27 9.64 -6.15
N GLU A 119 -4.02 10.79 -6.77
CA GLU A 119 -4.45 10.98 -8.18
C GLU A 119 -3.73 10.09 -9.17
N LYS A 120 -2.40 10.11 -9.07
CA LYS A 120 -1.53 9.32 -9.92
C LYS A 120 -1.91 7.84 -9.90
N MET A 121 -2.18 7.35 -8.71
CA MET A 121 -2.65 5.96 -8.58
C MET A 121 -3.97 5.81 -9.32
N THR A 122 -4.80 6.86 -9.28
CA THR A 122 -6.05 6.80 -10.04
C THR A 122 -5.79 6.86 -11.55
N GLN A 123 -4.94 7.78 -11.98
CA GLN A 123 -4.50 7.86 -13.38
C GLN A 123 -4.08 6.51 -13.95
N ILE A 124 -3.05 5.93 -13.37
CA ILE A 124 -2.50 4.69 -13.84
C ILE A 124 -3.50 3.53 -13.90
N MET A 125 -4.36 3.40 -12.90
CA MET A 125 -5.29 2.27 -12.92
C MET A 125 -6.23 2.32 -14.10
N PHE A 126 -6.68 3.53 -14.43
CA PHE A 126 -7.58 3.71 -15.56
C PHE A 126 -6.85 3.77 -16.91
N GLU A 127 -5.72 4.48 -17.00
CA GLU A 127 -5.08 4.68 -18.31
C GLU A 127 -4.28 3.46 -18.75
N THR A 128 -3.46 2.99 -17.85
CA THR A 128 -2.63 1.83 -18.11
C THR A 128 -3.32 0.49 -17.93
N PHE A 129 -4.04 0.27 -16.85
CA PHE A 129 -4.77 -1.02 -16.70
C PHE A 129 -6.24 -1.03 -17.10
N ASN A 130 -6.81 0.14 -17.37
CA ASN A 130 -8.19 0.22 -17.83
C ASN A 130 -9.20 -0.54 -16.93
N VAL A 131 -9.13 -0.32 -15.63
CA VAL A 131 -10.04 -1.03 -14.74
C VAL A 131 -11.40 -0.39 -14.91
N PRO A 132 -12.45 -1.20 -14.81
CA PRO A 132 -13.77 -0.62 -15.04
C PRO A 132 -14.11 0.40 -13.95
N ALA A 133 -13.63 0.10 -12.74
CA ALA A 133 -13.81 1.00 -11.61
C ALA A 133 -12.79 0.75 -10.48
N MET A 134 -12.59 1.77 -9.65
CA MET A 134 -11.63 1.66 -8.56
C MET A 134 -11.97 2.50 -7.30
N TYR A 135 -11.29 2.19 -6.20
CA TYR A 135 -11.48 2.89 -4.94
C TYR A 135 -10.17 2.87 -4.16
N VAL A 136 -9.91 3.91 -3.39
CA VAL A 136 -8.70 3.90 -2.57
C VAL A 136 -9.11 4.09 -1.12
N ALA A 137 -8.66 3.21 -0.24
CA ALA A 137 -9.09 3.28 1.12
C ALA A 137 -7.90 3.41 2.02
N ILE A 138 -8.09 4.02 3.18
CA ILE A 138 -6.98 4.11 4.08
C ILE A 138 -6.80 2.80 4.83
N GLN A 139 -5.56 2.36 4.80
CA GLN A 139 -5.16 1.09 5.42
C GLN A 139 -5.66 0.92 6.85
N ALA A 140 -5.25 1.81 7.74
CA ALA A 140 -5.65 1.68 9.11
C ALA A 140 -7.18 1.66 9.21
N VAL A 141 -7.87 2.41 8.35
CA VAL A 141 -9.30 2.46 8.54
C VAL A 141 -9.86 1.07 8.31
N LEU A 142 -9.43 0.38 7.24
CA LEU A 142 -9.85 -0.95 6.95
C LEU A 142 -9.56 -1.90 8.08
N SER A 143 -8.44 -1.70 8.76
CA SER A 143 -8.11 -2.58 9.84
C SER A 143 -9.09 -2.43 10.98
N LEU A 144 -9.49 -1.19 11.27
CA LEU A 144 -10.52 -0.95 12.27
C LEU A 144 -11.80 -1.67 11.85
N TYR A 145 -12.21 -1.50 10.61
CA TYR A 145 -13.42 -2.20 10.17
C TYR A 145 -13.32 -3.74 10.34
N ALA A 146 -12.19 -4.33 9.94
CA ALA A 146 -11.94 -5.75 10.09
C ALA A 146 -12.09 -6.20 11.57
N SER A 147 -11.86 -5.28 12.48
CA SER A 147 -12.05 -5.59 13.89
C SER A 147 -13.50 -5.42 14.38
N GLY A 148 -14.41 -5.06 13.48
CA GLY A 148 -15.80 -4.76 13.85
C GLY A 148 -16.05 -3.52 14.70
N ARG A 149 -15.39 -2.42 14.33
CA ARG A 149 -15.46 -1.11 15.04
C ARG A 149 -15.57 0.04 14.06
N THR A 150 -16.37 1.06 14.36
CA THR A 150 -16.31 2.36 13.65
C THR A 150 -15.47 3.44 14.31
N THR A 151 -15.09 3.21 15.56
CA THR A 151 -14.37 4.19 16.33
C THR A 151 -13.29 3.45 17.05
N GLY A 152 -12.07 4.01 17.11
CA GLY A 152 -10.91 3.31 17.63
C GLY A 152 -9.67 4.07 17.23
N ILE A 153 -8.53 3.75 17.81
CA ILE A 153 -7.29 4.35 17.35
C ILE A 153 -6.35 3.24 17.04
N VAL A 154 -5.99 3.14 15.76
CA VAL A 154 -5.15 2.08 15.30
C VAL A 154 -3.64 2.40 15.40
N LEU A 155 -2.89 1.45 15.92
CA LEU A 155 -1.46 1.40 15.74
C LEU A 155 -1.17 0.44 14.62
N ASP A 156 -0.64 0.97 13.53
CA ASP A 156 -0.35 0.19 12.33
C ASP A 156 1.15 0.26 12.02
N SER A 157 1.83 -0.87 12.16
CA SER A 157 3.27 -0.94 11.98
C SER A 157 3.67 -2.14 11.16
N GLY A 158 4.17 -1.85 9.97
CA GLY A 158 4.65 -2.83 9.04
C GLY A 158 6.17 -2.95 8.97
N ASP A 159 6.61 -3.20 7.75
CA ASP A 159 7.97 -3.24 7.38
C ASP A 159 8.55 -1.85 7.14
N GLY A 160 7.75 -0.92 6.61
CA GLY A 160 8.29 0.41 6.30
C GLY A 160 7.92 1.66 7.11
N VAL A 161 6.79 1.63 7.80
CA VAL A 161 6.28 2.80 8.49
C VAL A 161 5.35 2.40 9.60
N THR A 162 5.25 3.23 10.62
CA THR A 162 4.38 3.00 11.77
C THR A 162 3.47 4.22 11.92
N HIS A 163 2.16 4.01 12.07
CA HIS A 163 1.26 5.12 12.21
C HIS A 163 0.40 5.02 13.45
N ASN A 164 -0.06 6.16 13.91
CA ASN A 164 -1.11 6.21 14.92
C ASN A 164 -2.31 6.87 14.25
N VAL A 165 -3.42 6.15 14.11
CA VAL A 165 -4.53 6.71 13.34
C VAL A 165 -5.87 6.74 14.10
N PRO A 166 -6.19 7.88 14.71
CA PRO A 166 -7.50 7.90 15.36
C PRO A 166 -8.69 7.93 14.38
N ILE A 167 -9.75 7.18 14.66
CA ILE A 167 -10.92 7.11 13.79
C ILE A 167 -12.23 7.20 14.57
N TYR A 168 -13.18 8.02 14.10
CA TYR A 168 -14.45 8.30 14.75
C TYR A 168 -15.63 8.15 13.82
N GLU A 169 -16.51 7.24 14.17
CA GLU A 169 -17.69 6.95 13.39
C GLU A 169 -17.35 6.83 11.95
N GLY A 170 -16.25 6.13 11.71
CA GLY A 170 -15.91 5.61 10.40
C GLY A 170 -14.83 6.35 9.65
N TYR A 171 -14.33 7.44 10.21
CA TYR A 171 -13.32 8.26 9.48
C TYR A 171 -12.14 8.67 10.32
N ALA A 172 -10.98 8.60 9.70
CA ALA A 172 -9.75 9.01 10.33
C ALA A 172 -9.80 10.48 10.62
N LEU A 173 -9.18 10.92 11.70
CA LEU A 173 -9.09 12.34 11.95
C LEU A 173 -7.68 12.76 11.62
N PRO A 174 -7.48 13.40 10.46
CA PRO A 174 -6.09 13.56 9.96
C PRO A 174 -5.16 14.45 10.78
N HIS A 175 -5.74 15.47 11.40
CA HIS A 175 -4.97 16.42 12.20
C HIS A 175 -4.33 15.73 13.35
N ALA A 176 -4.93 14.62 13.77
CA ALA A 176 -4.45 13.88 14.92
C ALA A 176 -3.63 12.68 14.58
N ILE A 177 -3.37 12.43 13.30
CA ILE A 177 -2.57 11.28 12.92
C ILE A 177 -1.11 11.53 13.24
N MET A 178 -0.41 10.50 13.75
CA MET A 178 1.02 10.59 14.08
C MET A 178 1.76 9.58 13.25
N ARG A 179 3.01 9.86 12.95
CA ARG A 179 3.76 9.05 12.03
C ARG A 179 5.21 8.87 12.49
N LEU A 180 5.73 7.67 12.27
CA LEU A 180 7.04 7.26 12.67
C LEU A 180 7.66 6.43 11.55
N ASP A 181 8.87 6.76 11.09
CA ASP A 181 9.47 6.03 9.94
C ASP A 181 9.97 4.65 10.37
N LEU A 182 10.20 4.51 11.66
CA LEU A 182 10.69 3.27 12.22
C LEU A 182 9.68 2.15 12.11
N ALA A 183 10.11 1.06 11.53
CA ALA A 183 9.28 -0.10 11.41
C ALA A 183 10.23 -1.32 11.25
N GLY A 184 9.66 -2.45 10.85
CA GLY A 184 10.37 -3.71 10.80
C GLY A 184 11.73 -3.76 10.13
N ARG A 185 11.85 -3.29 8.91
CA ARG A 185 13.13 -3.27 8.23
C ARG A 185 14.19 -2.55 9.09
N ASP A 186 13.88 -1.36 9.61
CA ASP A 186 14.84 -0.69 10.50
C ASP A 186 15.16 -1.54 11.74
N LEU A 187 14.16 -2.24 12.24
CA LEU A 187 14.35 -3.00 13.46
C LEU A 187 15.30 -4.20 13.21
N THR A 188 15.15 -4.84 12.05
CA THR A 188 16.09 -5.86 11.60
C THR A 188 17.52 -5.37 11.54
N ASP A 189 17.73 -4.21 10.93
CA ASP A 189 19.06 -3.62 10.85
C ASP A 189 19.58 -3.34 12.25
N TYR A 190 18.68 -2.96 13.14
CA TYR A 190 19.10 -2.63 14.48
C TYR A 190 19.51 -3.91 15.23
N LEU A 191 18.81 -5.01 15.02
CA LEU A 191 19.17 -6.25 15.66
C LEU A 191 20.49 -6.81 15.12
N MET A 192 20.82 -6.46 13.87
CA MET A 192 22.09 -6.85 13.26
C MET A 192 23.24 -6.22 14.01
N LYS A 193 23.15 -4.91 14.20
CA LYS A 193 24.11 -4.21 15.05
C LYS A 193 24.35 -4.89 16.40
N ILE A 194 23.36 -4.88 17.29
CA ILE A 194 23.68 -5.15 18.67
C ILE A 194 24.12 -6.60 18.84
N LEU A 195 23.58 -7.49 18.03
CA LEU A 195 24.11 -8.84 17.95
C LEU A 195 25.57 -8.78 17.50
N THR A 196 25.88 -7.87 16.59
CA THR A 196 27.23 -7.78 16.10
C THR A 196 28.13 -7.27 17.23
N GLU A 197 27.64 -6.29 17.99
CA GLU A 197 28.37 -5.73 19.14
C GLU A 197 28.49 -6.76 20.27
N ARG A 198 27.80 -7.89 20.08
CA ARG A 198 27.87 -9.05 20.97
C ARG A 198 28.89 -10.06 20.43
N GLY A 199 29.40 -9.82 19.23
CA GLY A 199 30.36 -10.71 18.60
C GLY A 199 29.90 -11.71 17.55
N TYR A 200 28.70 -11.58 16.99
CA TYR A 200 28.26 -12.48 15.91
C TYR A 200 28.34 -12.03 14.43
N SER A 201 28.73 -10.79 14.18
CA SER A 201 28.95 -10.32 12.81
C SER A 201 27.91 -10.68 11.73
N PHE A 202 26.75 -10.04 11.71
CA PHE A 202 25.91 -10.16 10.50
C PHE A 202 25.95 -8.89 9.65
N VAL A 203 26.74 -8.90 8.56
CA VAL A 203 26.53 -7.99 7.44
C VAL A 203 25.99 -8.58 6.11
N THR A 204 25.95 -9.90 5.99
CA THR A 204 25.90 -10.49 4.64
C THR A 204 24.49 -10.39 4.08
N THR A 205 24.39 -10.30 2.75
CA THR A 205 23.11 -10.20 2.09
C THR A 205 22.25 -11.35 2.63
N ALA A 206 22.87 -12.52 2.83
CA ALA A 206 22.18 -13.68 3.42
C ALA A 206 22.40 -13.86 4.93
N GLU A 207 23.14 -12.95 5.57
CA GLU A 207 23.15 -12.90 7.03
C GLU A 207 21.93 -12.16 7.57
N ARG A 208 21.59 -11.04 6.92
CA ARG A 208 20.41 -10.25 7.27
C ARG A 208 19.22 -11.20 7.31
N GLU A 209 19.20 -12.10 6.35
CA GLU A 209 18.15 -13.09 6.20
C GLU A 209 17.91 -13.85 7.51
N ILE A 210 19.00 -14.15 8.20
CA ILE A 210 18.93 -14.92 9.45
C ILE A 210 18.54 -14.01 10.61
N VAL A 211 19.02 -12.77 10.59
CA VAL A 211 18.71 -11.88 11.67
C VAL A 211 17.21 -11.68 11.62
N ARG A 212 16.65 -11.64 10.42
CA ARG A 212 15.22 -11.38 10.28
C ARG A 212 14.43 -12.51 10.96
N ASP A 213 14.98 -13.71 10.87
CA ASP A 213 14.33 -14.89 11.40
C ASP A 213 14.36 -14.88 12.92
N ILE A 214 15.49 -14.46 13.47
CA ILE A 214 15.65 -14.36 14.90
C ILE A 214 14.67 -13.39 15.54
N LYS A 215 14.48 -12.28 14.82
CA LYS A 215 13.64 -11.18 15.22
C LYS A 215 12.20 -11.65 15.34
N GLU A 216 11.76 -12.34 14.31
CA GLU A 216 10.35 -12.70 14.23
C GLU A 216 10.06 -13.85 15.16
N LYS A 217 11.13 -14.46 15.64
CA LYS A 217 11.05 -15.65 16.47
C LYS A 217 11.37 -15.36 17.93
N LEU A 218 12.54 -14.84 18.23
CA LEU A 218 12.94 -14.63 19.63
C LEU A 218 12.65 -13.28 20.26
N CYS A 219 12.38 -12.24 19.48
CA CYS A 219 12.18 -10.93 20.06
C CYS A 219 10.82 -10.83 20.70
N TYR A 220 10.75 -9.93 21.67
CA TYR A 220 9.55 -9.58 22.44
C TYR A 220 9.70 -8.23 23.07
N VAL A 221 8.57 -7.67 23.49
CA VAL A 221 8.58 -6.37 24.11
C VAL A 221 8.58 -6.56 25.62
N ALA A 222 9.45 -5.85 26.32
CA ALA A 222 9.49 -6.00 27.76
C ALA A 222 8.34 -5.20 28.36
N LEU A 223 7.73 -5.71 29.42
CA LEU A 223 6.70 -4.93 30.12
C LEU A 223 7.30 -3.66 30.74
N ASP A 224 8.46 -3.81 31.41
CA ASP A 224 9.26 -2.65 31.94
C ASP A 224 10.76 -2.79 31.57
N PHE A 225 11.31 -1.80 30.88
CA PHE A 225 12.58 -2.00 30.19
C PHE A 225 13.78 -2.12 31.14
N GLU A 226 13.82 -1.30 32.21
CA GLU A 226 14.99 -1.29 33.11
C GLU A 226 14.96 -2.44 34.06
N ASN A 227 13.78 -2.99 34.30
CA ASN A 227 13.69 -4.20 35.07
C ASN A 227 14.17 -5.36 34.24
N GLU A 228 13.69 -5.42 33.02
CA GLU A 228 14.07 -6.51 32.14
C GLU A 228 15.58 -6.46 31.91
N MET A 229 16.17 -5.26 31.88
CA MET A 229 17.61 -5.15 31.69
C MET A 229 18.34 -5.54 32.99
N ALA A 230 17.72 -5.27 34.14
CA ALA A 230 18.33 -5.62 35.43
C ALA A 230 18.23 -7.13 35.63
N THR A 231 17.10 -7.69 35.19
CA THR A 231 16.91 -9.13 35.23
C THR A 231 17.97 -9.85 34.35
N ALA A 232 18.15 -9.34 33.15
CA ALA A 232 19.01 -9.96 32.16
C ALA A 232 20.48 -9.88 32.64
N ALA A 233 20.76 -8.88 33.48
CA ALA A 233 22.11 -8.65 33.95
C ALA A 233 22.48 -9.58 35.12
N SER A 234 21.49 -9.98 35.89
CA SER A 234 21.72 -10.80 37.08
C SER A 234 21.43 -12.27 36.86
N SER A 235 20.97 -12.64 35.67
CA SER A 235 20.78 -14.06 35.42
C SER A 235 20.49 -14.35 33.94
N SER A 236 20.37 -15.64 33.61
CA SER A 236 20.16 -16.10 32.25
C SER A 236 18.68 -16.45 31.93
N SER A 237 17.76 -16.20 32.86
CA SER A 237 16.35 -16.58 32.67
C SER A 237 15.69 -16.06 31.37
N LEU A 238 16.17 -14.93 30.86
CA LEU A 238 15.65 -14.35 29.62
C LEU A 238 16.42 -14.74 28.32
N GLU A 239 17.51 -15.49 28.48
CA GLU A 239 18.28 -15.95 27.33
C GLU A 239 17.61 -17.11 26.63
N LYS A 240 17.80 -17.13 25.32
CA LYS A 240 17.21 -18.19 24.50
C LYS A 240 18.19 -18.69 23.44
N SER A 241 18.21 -20.01 23.26
CA SER A 241 19.15 -20.67 22.37
C SER A 241 18.56 -20.60 20.96
N TYR A 242 19.40 -20.38 19.95
CA TYR A 242 18.96 -20.28 18.58
C TYR A 242 19.89 -21.04 17.61
N GLU A 243 19.33 -21.89 16.76
CA GLU A 243 20.14 -22.74 15.88
C GLU A 243 20.32 -22.18 14.47
N LEU A 244 21.55 -21.82 14.10
CA LEU A 244 21.88 -21.30 12.78
C LEU A 244 21.89 -22.36 11.68
N PRO A 245 21.95 -21.94 10.40
CA PRO A 245 21.90 -22.99 9.35
C PRO A 245 23.16 -23.86 9.31
N ASP A 246 24.31 -23.36 9.79
CA ASP A 246 25.51 -24.19 9.94
C ASP A 246 25.35 -25.22 11.05
N GLY A 247 24.23 -25.15 11.78
CA GLY A 247 23.90 -26.09 12.83
C GLY A 247 24.32 -25.61 14.21
N GLN A 248 25.14 -24.56 14.24
CA GLN A 248 25.57 -24.03 15.52
C GLN A 248 24.41 -23.48 16.31
N VAL A 249 24.41 -23.78 17.60
CA VAL A 249 23.39 -23.31 18.52
C VAL A 249 23.97 -22.26 19.44
N ILE A 250 23.52 -21.01 19.27
CA ILE A 250 24.07 -19.90 20.04
C ILE A 250 22.98 -19.28 20.92
N THR A 251 23.42 -18.56 21.94
CA THR A 251 22.51 -17.98 22.91
C THR A 251 22.37 -16.51 22.66
N ILE A 252 21.15 -16.00 22.73
CA ILE A 252 20.95 -14.59 22.56
C ILE A 252 20.17 -14.02 23.76
N GLY A 253 20.61 -12.85 24.15
CA GLY A 253 20.33 -12.22 25.42
C GLY A 253 19.24 -11.17 25.37
N ASN A 254 19.48 -10.11 26.13
CA ASN A 254 18.65 -8.91 26.18
C ASN A 254 18.41 -8.27 24.79
N GLU A 255 19.24 -8.58 23.80
CA GLU A 255 18.95 -8.13 22.44
C GLU A 255 17.52 -8.50 22.02
N ARG A 256 17.02 -9.61 22.58
CA ARG A 256 15.64 -10.02 22.37
C ARG A 256 14.62 -8.85 22.55
N PHE A 257 14.69 -8.14 23.66
CA PHE A 257 13.85 -6.98 23.87
C PHE A 257 14.47 -5.60 23.71
N ARG A 258 15.78 -5.49 23.51
CA ARG A 258 16.34 -4.17 23.19
C ARG A 258 16.00 -3.81 21.75
N CYS A 259 15.71 -4.78 20.89
CA CYS A 259 15.43 -4.44 19.49
C CYS A 259 14.05 -3.73 19.31
N PRO A 260 12.95 -4.37 19.75
CA PRO A 260 11.63 -3.74 19.76
C PRO A 260 11.49 -2.59 20.73
N GLU A 261 12.40 -2.45 21.69
CA GLU A 261 12.27 -1.31 22.60
C GLU A 261 12.42 -0.02 21.81
N THR A 262 13.03 -0.15 20.64
CA THR A 262 13.22 0.97 19.73
C THR A 262 11.89 1.69 19.41
N LEU A 263 10.82 0.91 19.30
CA LEU A 263 9.50 1.45 19.05
C LEU A 263 9.04 2.39 20.15
N PHE A 264 9.31 2.04 21.40
CA PHE A 264 9.03 2.97 22.53
C PHE A 264 10.18 3.94 22.83
N GLN A 265 11.37 3.64 22.30
CA GLN A 265 12.53 4.53 22.50
C GLN A 265 13.31 4.75 21.20
N PRO A 266 12.76 5.52 20.30
CA PRO A 266 13.39 5.76 19.03
C PRO A 266 14.80 6.36 19.12
N SER A 267 15.19 6.90 20.27
CA SER A 267 16.57 7.36 20.47
C SER A 267 17.60 6.23 20.19
N PHE A 268 17.25 5.00 20.54
CA PHE A 268 18.18 3.89 20.39
C PHE A 268 18.81 3.82 19.02
N ILE A 269 18.05 4.09 17.98
CA ILE A 269 18.60 4.06 16.60
C ILE A 269 18.92 5.44 16.07
N GLY A 270 18.80 6.44 16.90
CA GLY A 270 19.20 7.76 16.46
C GLY A 270 18.09 8.68 16.05
N MET A 271 16.86 8.20 16.15
CA MET A 271 15.71 9.03 15.86
C MET A 271 15.36 9.89 17.08
N GLU A 272 15.05 11.15 16.79
CA GLU A 272 14.72 12.15 17.79
C GLU A 272 13.23 12.08 18.13
N SER A 273 12.55 11.08 17.58
CA SER A 273 11.11 10.93 17.65
C SER A 273 10.63 10.35 18.98
N ALA A 274 9.43 10.72 19.44
CA ALA A 274 8.91 10.09 20.66
C ALA A 274 8.46 8.69 20.38
N GLY A 275 8.08 7.97 21.42
CA GLY A 275 7.77 6.55 21.30
C GLY A 275 6.33 6.34 20.93
N ILE A 276 6.01 5.15 20.43
CA ILE A 276 4.65 4.85 19.94
C ILE A 276 3.63 4.98 21.08
N HIS A 277 4.08 4.76 22.30
CA HIS A 277 3.18 5.00 23.43
C HIS A 277 2.91 6.53 23.54
N GLU A 278 3.95 7.34 23.49
CA GLU A 278 3.74 8.77 23.71
C GLU A 278 2.98 9.36 22.52
N THR A 279 3.29 8.90 21.30
CA THR A 279 2.59 9.42 20.15
C THR A 279 1.13 8.96 20.09
N THR A 280 0.85 7.79 20.67
CA THR A 280 -0.54 7.34 20.81
C THR A 280 -1.29 8.32 21.67
N TYR A 281 -0.69 8.70 22.81
CA TYR A 281 -1.38 9.58 23.77
C TYR A 281 -1.60 10.95 23.15
N ASN A 282 -0.55 11.43 22.51
CA ASN A 282 -0.64 12.69 21.81
C ASN A 282 -1.75 12.75 20.79
N SER A 283 -1.86 11.71 19.97
CA SER A 283 -2.85 11.62 18.94
C SER A 283 -4.23 11.73 19.56
N ILE A 284 -4.47 10.91 20.58
CA ILE A 284 -5.73 10.98 21.33
C ILE A 284 -5.92 12.39 21.92
N MET A 285 -4.80 13.01 22.29
CA MET A 285 -4.93 14.23 23.03
C MET A 285 -5.27 15.32 22.04
N LYS A 286 -4.98 15.08 20.78
CA LYS A 286 -5.26 16.08 19.77
C LYS A 286 -6.71 15.99 19.33
N CYS A 287 -7.47 15.09 19.95
CA CYS A 287 -8.82 14.86 19.54
C CYS A 287 -9.78 15.49 20.49
N ASP A 288 -11.04 15.46 20.08
CA ASP A 288 -12.11 16.10 20.81
C ASP A 288 -12.31 15.30 22.08
N ILE A 289 -12.40 15.99 23.23
CA ILE A 289 -12.41 15.34 24.55
C ILE A 289 -13.46 14.30 24.56
N ASP A 290 -14.53 14.59 23.88
CA ASP A 290 -15.65 13.73 23.98
C ASP A 290 -15.44 12.39 23.28
N ILE A 291 -14.54 12.29 22.28
CA ILE A 291 -14.32 10.96 21.69
C ILE A 291 -13.18 10.18 22.41
N ARG A 292 -12.40 10.86 23.24
CA ARG A 292 -11.22 10.26 23.84
C ARG A 292 -11.45 8.94 24.57
N LYS A 293 -12.59 8.82 25.23
CA LYS A 293 -12.86 7.66 26.07
C LYS A 293 -13.07 6.46 25.17
N ASP A 294 -13.59 6.74 23.98
CA ASP A 294 -13.81 5.67 23.01
C ASP A 294 -12.49 5.29 22.31
N LEU A 295 -11.58 6.24 22.16
CA LEU A 295 -10.29 5.91 21.59
C LEU A 295 -9.50 5.04 22.61
N TYR A 296 -9.46 5.48 23.86
CA TYR A 296 -8.72 4.77 24.92
C TYR A 296 -9.13 3.33 25.05
N ALA A 297 -10.42 3.11 24.91
CA ALA A 297 -11.00 1.80 25.05
C ALA A 297 -10.94 0.96 23.79
N ASN A 298 -10.77 1.58 22.63
CA ASN A 298 -10.37 0.81 21.48
C ASN A 298 -9.02 1.17 20.81
N ASN A 299 -7.98 0.49 21.25
CA ASN A 299 -6.65 0.53 20.65
C ASN A 299 -6.48 -0.77 19.91
N VAL A 300 -6.47 -0.71 18.57
CA VAL A 300 -6.37 -1.89 17.69
C VAL A 300 -5.03 -1.89 16.97
N MET A 301 -4.38 -3.04 17.03
CA MET A 301 -3.06 -3.14 16.45
C MET A 301 -3.19 -3.82 15.13
N SER A 302 -2.45 -3.32 14.16
CA SER A 302 -2.46 -3.84 12.84
C SER A 302 -1.00 -3.99 12.33
N GLY A 303 -0.75 -5.00 11.49
CA GLY A 303 0.48 -5.06 10.72
C GLY A 303 1.51 -5.92 11.42
N GLY A 304 2.48 -6.43 10.69
CA GLY A 304 3.35 -7.48 11.21
C GLY A 304 4.34 -7.05 12.29
N THR A 305 4.67 -5.76 12.35
CA THR A 305 5.57 -5.32 13.38
C THR A 305 4.86 -5.21 14.77
N THR A 306 3.53 -5.39 14.82
CA THR A 306 2.82 -5.47 16.08
C THR A 306 2.74 -6.92 16.60
N MET A 307 3.43 -7.83 15.94
CA MET A 307 3.37 -9.24 16.35
C MET A 307 4.20 -9.59 17.58
N TYR A 308 5.12 -8.73 18.01
CA TYR A 308 6.04 -9.09 19.06
C TYR A 308 5.23 -9.49 20.27
N PRO A 309 5.49 -10.70 20.84
CA PRO A 309 4.93 -11.04 22.16
C PRO A 309 5.14 -9.92 23.12
N GLY A 310 4.14 -9.57 23.90
CA GLY A 310 4.33 -8.63 25.00
C GLY A 310 3.95 -7.21 24.69
N ILE A 311 3.74 -6.91 23.41
CA ILE A 311 3.58 -5.52 22.97
C ILE A 311 2.24 -4.92 23.42
N ALA A 312 1.18 -5.70 23.36
CA ALA A 312 -0.12 -5.24 23.87
C ALA A 312 -0.02 -4.84 25.31
N ASP A 313 0.45 -5.77 26.13
CA ASP A 313 0.57 -5.50 27.57
C ASP A 313 1.44 -4.25 27.82
N ARG A 314 2.50 -4.08 27.04
CA ARG A 314 3.36 -2.92 27.24
C ARG A 314 2.58 -1.65 26.89
N MET A 315 1.82 -1.69 25.80
CA MET A 315 0.95 -0.55 25.46
C MET A 315 -0.08 -0.28 26.57
N GLN A 316 -0.79 -1.30 27.06
CA GLN A 316 -1.75 -1.10 28.17
C GLN A 316 -1.08 -0.32 29.29
N LYS A 317 0.09 -0.78 29.71
CA LYS A 317 0.76 -0.15 30.82
C LYS A 317 1.13 1.31 30.52
N GLU A 318 1.78 1.56 29.39
CA GLU A 318 2.23 2.92 29.13
C GLU A 318 1.06 3.88 29.00
N ILE A 319 -0.01 3.43 28.35
CA ILE A 319 -1.18 4.29 28.11
C ILE A 319 -1.92 4.57 29.43
N THR A 320 -2.01 3.56 30.28
CA THR A 320 -2.47 3.74 31.67
C THR A 320 -1.60 4.79 32.37
N ALA A 321 -0.28 4.77 32.23
CA ALA A 321 0.52 5.73 32.99
C ALA A 321 0.35 7.18 32.51
N LEU A 322 -0.30 7.33 31.37
CA LEU A 322 -0.45 8.60 30.65
C LEU A 322 -1.88 9.13 30.86
N ALA A 323 -2.84 8.25 30.63
CA ALA A 323 -4.24 8.59 30.73
C ALA A 323 -4.61 8.93 32.15
N PRO A 324 -5.80 9.53 32.32
CA PRO A 324 -6.27 9.77 33.68
C PRO A 324 -6.38 8.50 34.51
N SER A 325 -6.78 8.66 35.77
CA SER A 325 -6.73 7.57 36.76
C SER A 325 -7.81 6.58 36.44
N THR A 326 -8.91 7.17 36.00
CA THR A 326 -10.22 6.53 35.85
C THR A 326 -10.30 5.63 34.61
N MET A 327 -9.76 6.17 33.53
CA MET A 327 -10.01 5.74 32.17
C MET A 327 -9.87 4.24 31.87
N LYS A 328 -10.86 3.74 31.17
CA LYS A 328 -10.85 2.36 30.68
C LYS A 328 -10.02 2.31 29.39
N ILE A 329 -8.93 1.55 29.49
CA ILE A 329 -7.94 1.37 28.43
C ILE A 329 -7.97 -0.09 27.98
N LYS A 330 -8.08 -0.32 26.68
CA LYS A 330 -8.00 -1.67 26.18
C LYS A 330 -7.25 -1.70 24.85
N ILE A 331 -6.37 -2.70 24.72
CA ILE A 331 -5.67 -2.99 23.51
C ILE A 331 -6.21 -4.23 22.82
N ILE A 332 -6.60 -4.11 21.57
CA ILE A 332 -7.08 -5.24 20.81
C ILE A 332 -5.99 -5.67 19.84
N ALA A 333 -5.58 -6.94 19.94
CA ALA A 333 -4.51 -7.46 19.08
C ALA A 333 -4.97 -8.65 18.27
N PRO A 334 -5.69 -8.41 17.17
CA PRO A 334 -6.23 -9.58 16.53
C PRO A 334 -5.14 -10.53 16.01
N PRO A 335 -5.30 -11.86 16.14
CA PRO A 335 -4.28 -12.85 15.73
C PRO A 335 -3.95 -12.79 14.26
N GLU A 336 -4.93 -12.41 13.47
CA GLU A 336 -4.79 -12.36 12.01
C GLU A 336 -4.24 -11.02 11.51
N ARG A 337 -3.70 -10.18 12.41
CA ARG A 337 -3.42 -8.76 12.12
C ARG A 337 -2.26 -8.46 11.16
N LYS A 338 -1.53 -9.45 10.71
CA LYS A 338 -0.68 -9.21 9.57
C LYS A 338 -1.53 -8.87 8.33
N TYR A 339 -2.71 -9.45 8.26
CA TYR A 339 -3.64 -9.28 7.14
C TYR A 339 -4.91 -8.42 7.33
N SER A 340 -5.06 -7.81 8.50
CA SER A 340 -6.23 -6.97 8.80
C SER A 340 -6.65 -5.98 7.73
N VAL A 341 -5.67 -5.21 7.28
CA VAL A 341 -5.88 -4.23 6.27
C VAL A 341 -6.50 -4.91 5.07
N TRP A 342 -5.86 -5.97 4.59
CA TRP A 342 -6.42 -6.65 3.43
C TRP A 342 -7.83 -7.20 3.72
N ILE A 343 -8.02 -7.85 4.85
CA ILE A 343 -9.31 -8.45 5.15
C ILE A 343 -10.40 -7.38 5.22
N GLY A 344 -10.04 -6.22 5.74
CA GLY A 344 -11.02 -5.16 5.89
C GLY A 344 -11.52 -4.66 4.54
N GLY A 345 -10.60 -4.49 3.60
CA GLY A 345 -10.96 -4.24 2.19
C GLY A 345 -11.73 -5.35 1.51
N SER A 346 -11.38 -6.59 1.83
CA SER A 346 -12.08 -7.72 1.26
C SER A 346 -13.59 -7.68 1.56
N ILE A 347 -13.90 -7.43 2.83
CA ILE A 347 -15.25 -7.20 3.30
C ILE A 347 -15.95 -5.99 2.63
N LEU A 348 -15.34 -4.81 2.75
CA LEU A 348 -15.89 -3.57 2.21
C LEU A 348 -16.25 -3.64 0.72
N ALA A 349 -15.35 -4.20 -0.08
CA ALA A 349 -15.60 -4.34 -1.51
C ALA A 349 -16.62 -5.42 -1.84
N SER A 350 -16.94 -6.25 -0.85
CA SER A 350 -17.89 -7.35 -1.02
C SER A 350 -19.29 -6.92 -0.61
N LEU A 351 -19.43 -5.75 0.02
CA LEU A 351 -20.73 -5.32 0.49
C LEU A 351 -21.64 -4.94 -0.70
N SER A 352 -22.91 -5.33 -0.56
CA SER A 352 -23.98 -4.99 -1.51
C SER A 352 -24.01 -3.50 -1.78
N THR A 353 -23.71 -2.73 -0.77
CA THR A 353 -23.79 -1.29 -0.88
C THR A 353 -22.56 -0.75 -1.58
N PHE A 354 -21.64 -1.60 -2.00
CA PHE A 354 -20.43 -1.00 -2.47
C PHE A 354 -20.43 -0.50 -3.92
N GLN A 355 -21.32 -1.05 -4.75
CA GLN A 355 -21.33 -0.75 -6.19
C GLN A 355 -21.44 0.73 -6.49
N GLN A 356 -21.93 1.48 -5.52
CA GLN A 356 -22.14 2.89 -5.69
C GLN A 356 -20.96 3.77 -5.25
N MET A 357 -20.04 3.17 -4.51
CA MET A 357 -18.85 3.88 -4.04
C MET A 357 -17.71 3.97 -5.04
N TRP A 358 -17.64 3.00 -5.95
CA TRP A 358 -16.63 3.01 -7.00
C TRP A 358 -16.60 4.31 -7.71
N ILE A 359 -15.38 4.71 -8.05
CA ILE A 359 -15.14 5.65 -9.11
C ILE A 359 -15.27 4.85 -10.40
N THR A 360 -16.17 5.24 -11.28
CA THR A 360 -16.26 4.58 -12.60
C THR A 360 -15.23 5.16 -13.58
N LYS A 361 -14.84 4.35 -14.55
CA LYS A 361 -14.07 4.81 -15.69
C LYS A 361 -14.71 6.08 -16.27
N GLN A 362 -16.03 6.03 -16.42
CA GLN A 362 -16.74 7.12 -17.06
C GLN A 362 -16.55 8.40 -16.25
N GLU A 363 -16.88 8.30 -14.96
CA GLU A 363 -16.63 9.39 -14.00
C GLU A 363 -15.19 9.89 -14.12
N TYR A 364 -14.23 8.98 -14.30
CA TYR A 364 -12.85 9.41 -14.40
C TYR A 364 -12.68 10.16 -15.70
N ASP A 365 -13.18 9.56 -16.79
CA ASP A 365 -13.03 10.16 -18.12
C ASP A 365 -13.60 11.56 -18.17
N GLU A 366 -14.76 11.77 -17.57
CA GLU A 366 -15.34 13.08 -17.58
C GLU A 366 -14.67 14.02 -16.56
N ALA A 367 -14.49 13.57 -15.33
CA ALA A 367 -14.04 14.49 -14.27
C ALA A 367 -12.54 14.56 -14.03
N GLY A 368 -11.78 13.62 -14.57
CA GLY A 368 -10.35 13.64 -14.27
C GLY A 368 -10.04 13.14 -12.87
N PRO A 369 -8.76 12.96 -12.55
CA PRO A 369 -8.28 12.29 -11.33
C PRO A 369 -8.56 13.01 -10.01
N SER A 370 -8.79 14.32 -10.04
CA SER A 370 -9.13 15.04 -8.81
C SER A 370 -10.48 14.54 -8.27
N ILE A 371 -11.18 13.70 -9.05
CA ILE A 371 -12.39 13.05 -8.65
C ILE A 371 -12.23 12.23 -7.36
N VAL A 372 -11.01 11.77 -7.11
CA VAL A 372 -10.69 10.86 -6.00
C VAL A 372 -10.54 11.59 -4.65
N HIS A 373 -10.34 12.89 -4.70
CA HIS A 373 -10.33 13.67 -3.50
C HIS A 373 -11.77 13.85 -2.96
N ARG A 374 -12.74 13.91 -3.87
CA ARG A 374 -14.14 14.06 -3.48
C ARG A 374 -14.94 12.77 -3.30
N LYS A 375 -14.46 11.66 -3.87
CA LYS A 375 -15.14 10.37 -3.67
C LYS A 375 -14.48 9.37 -2.67
N CYS A 376 -13.30 9.71 -2.18
CA CYS A 376 -12.54 8.85 -1.27
C CYS A 376 -11.99 9.72 -0.17
N PHE A 377 -12.42 9.53 1.07
CA PHE A 377 -11.93 10.41 2.14
C PHE A 377 -10.59 9.93 2.69
N MET B 1 -19.49 9.51 -3.48
CA MET B 1 -20.97 9.66 -3.24
C MET B 1 -21.40 8.83 -2.03
N VAL B 2 -22.71 8.65 -1.91
CA VAL B 2 -23.31 7.98 -0.76
C VAL B 2 -24.20 6.90 -1.31
N VAL B 3 -24.30 5.81 -0.57
CA VAL B 3 -25.00 4.65 -1.08
C VAL B 3 -26.52 4.65 -0.89
N GLU B 4 -27.21 4.15 -1.89
CA GLU B 4 -28.64 3.92 -1.79
C GLU B 4 -28.79 2.38 -1.87
N HIS B 5 -29.98 1.83 -1.62
CA HIS B 5 -30.13 0.38 -1.46
C HIS B 5 -31.55 0.33 -0.88
N PRO B 6 -32.31 -0.74 -1.12
CA PRO B 6 -33.71 -0.53 -0.72
C PRO B 6 -33.92 -0.30 0.77
N GLU B 7 -33.07 -0.87 1.62
CA GLU B 7 -33.33 -0.74 3.05
C GLU B 7 -32.83 0.59 3.53
N PHE B 8 -31.91 1.17 2.79
CA PHE B 8 -31.45 2.53 3.11
C PHE B 8 -32.60 3.52 2.97
N LEU B 9 -33.39 3.34 1.90
CA LEU B 9 -34.49 4.20 1.56
C LEU B 9 -35.65 4.06 2.58
N LYS B 10 -35.79 2.90 3.19
CA LYS B 10 -36.78 2.73 4.28
C LYS B 10 -36.26 3.18 5.63
N ALA B 11 -34.97 3.42 5.75
CA ALA B 11 -34.37 3.67 7.05
C ALA B 11 -34.68 5.06 7.57
N GLY B 12 -35.15 5.13 8.81
CA GLY B 12 -35.25 6.37 9.55
C GLY B 12 -36.31 7.31 9.01
N LYS B 13 -37.35 6.72 8.40
CA LYS B 13 -38.49 7.46 7.89
C LYS B 13 -39.33 8.07 9.00
N GLU B 14 -39.27 7.50 10.19
CA GLU B 14 -40.25 7.80 11.20
C GLU B 14 -39.94 7.11 12.52
N PRO B 15 -40.45 7.66 13.63
CA PRO B 15 -40.13 7.13 14.96
C PRO B 15 -40.35 5.65 15.02
N GLY B 16 -39.43 4.93 15.67
CA GLY B 16 -39.59 3.50 15.84
C GLY B 16 -38.27 2.78 15.96
N LEU B 17 -38.32 1.49 15.71
CA LEU B 17 -37.14 0.65 15.79
C LEU B 17 -37.09 -0.12 14.50
N GLN B 18 -35.94 -0.08 13.86
CA GLN B 18 -35.66 -1.02 12.80
C GLN B 18 -34.42 -1.88 13.16
N ILE B 19 -34.50 -3.14 12.74
CA ILE B 19 -33.46 -4.10 12.99
C ILE B 19 -33.22 -4.86 11.72
N TRP B 20 -31.95 -4.82 11.30
CA TRP B 20 -31.45 -5.57 10.19
C TRP B 20 -30.39 -6.57 10.66
N ARG B 21 -30.22 -7.61 9.87
CA ARG B 21 -29.22 -8.58 10.15
C ARG B 21 -28.29 -8.63 8.96
N VAL B 22 -27.00 -8.63 9.24
CA VAL B 22 -26.04 -8.82 8.20
C VAL B 22 -26.13 -10.25 7.74
N GLU B 23 -26.40 -10.45 6.44
CA GLU B 23 -26.44 -11.79 5.83
C GLU B 23 -25.62 -11.88 4.54
N LYS B 24 -24.54 -12.63 4.55
CA LYS B 24 -23.68 -12.72 3.36
C LYS B 24 -23.47 -11.37 2.65
N PHE B 25 -22.86 -10.46 3.38
CA PHE B 25 -22.46 -9.15 2.90
C PHE B 25 -23.58 -8.26 2.44
N ASP B 26 -24.79 -8.54 2.89
CA ASP B 26 -25.93 -7.68 2.56
C ASP B 26 -26.67 -7.43 3.82
N LEU B 27 -27.47 -6.37 3.84
CA LEU B 27 -28.24 -5.98 5.02
C LEU B 27 -29.68 -6.44 4.79
N VAL B 28 -30.24 -7.21 5.73
CA VAL B 28 -31.53 -7.86 5.48
C VAL B 28 -32.43 -7.60 6.67
N PRO B 29 -33.71 -7.31 6.40
CA PRO B 29 -34.51 -6.94 7.58
C PRO B 29 -34.85 -8.11 8.46
N VAL B 30 -34.84 -7.84 9.75
CA VAL B 30 -35.35 -8.76 10.74
C VAL B 30 -36.86 -8.56 10.79
N PRO B 31 -37.63 -9.65 10.63
CA PRO B 31 -39.08 -9.65 10.84
C PRO B 31 -39.43 -9.05 12.16
N THR B 32 -40.38 -8.13 12.13
CA THR B 32 -40.65 -7.30 13.29
C THR B 32 -41.16 -8.09 14.48
N ASN B 33 -41.66 -9.29 14.24
CA ASN B 33 -42.09 -10.14 15.38
C ASN B 33 -40.94 -10.98 15.92
N LEU B 34 -39.80 -10.97 15.24
CA LEU B 34 -38.61 -11.59 15.77
C LEU B 34 -37.68 -10.62 16.55
N TYR B 35 -38.09 -9.37 16.77
CA TYR B 35 -37.20 -8.41 17.40
C TYR B 35 -36.86 -8.83 18.80
N GLY B 36 -35.58 -8.66 19.16
CA GLY B 36 -35.11 -8.93 20.51
C GLY B 36 -34.58 -10.33 20.64
N ASP B 37 -34.73 -11.14 19.59
CA ASP B 37 -34.14 -12.48 19.56
C ASP B 37 -32.92 -12.42 18.66
N PHE B 38 -31.75 -12.43 19.28
CA PHE B 38 -30.48 -12.22 18.57
C PHE B 38 -29.67 -13.48 18.51
N PHE B 39 -29.47 -13.96 17.30
CA PHE B 39 -28.58 -15.07 17.08
C PHE B 39 -27.13 -14.71 17.52
N THR B 40 -26.53 -15.52 18.36
CA THR B 40 -25.21 -15.16 18.84
C THR B 40 -24.12 -15.49 17.84
N GLY B 41 -24.48 -16.08 16.70
CA GLY B 41 -23.52 -16.36 15.65
C GLY B 41 -23.61 -15.35 14.51
N ASP B 42 -24.36 -14.29 14.74
CA ASP B 42 -24.59 -13.27 13.73
C ASP B 42 -24.30 -11.87 14.27
N ALA B 43 -24.44 -10.91 13.38
CA ALA B 43 -24.29 -9.48 13.72
C ALA B 43 -25.44 -8.66 13.20
N TYR B 44 -25.78 -7.64 13.95
CA TYR B 44 -26.97 -6.86 13.64
C TYR B 44 -26.68 -5.40 13.67
N VAL B 45 -27.45 -4.69 12.85
CA VAL B 45 -27.57 -3.21 12.85
C VAL B 45 -28.98 -2.78 13.32
N ILE B 46 -29.03 -2.03 14.40
CA ILE B 46 -30.29 -1.52 14.96
C ILE B 46 -30.40 0.01 14.84
N LEU B 47 -31.52 0.52 14.31
CA LEU B 47 -31.80 1.98 14.25
C LEU B 47 -32.96 2.45 15.12
N LYS B 48 -32.64 3.29 16.09
CA LYS B 48 -33.66 3.93 16.91
C LYS B 48 -33.90 5.35 16.46
N THR B 49 -35.07 5.57 15.87
CA THR B 49 -35.56 6.89 15.46
C THR B 49 -36.54 7.51 16.47
N VAL B 50 -36.23 8.73 16.87
CA VAL B 50 -37.05 9.52 17.81
C VAL B 50 -37.52 10.83 17.13
N GLN B 51 -38.72 11.30 17.48
CA GLN B 51 -39.25 12.54 16.95
C GLN B 51 -38.75 13.68 17.76
N LEU B 52 -38.45 14.77 17.06
CA LEU B 52 -38.03 15.97 17.69
C LEU B 52 -39.09 16.99 17.53
N ARG B 53 -39.14 17.91 18.49
CA ARG B 53 -40.13 18.97 18.55
C ARG B 53 -40.22 19.68 17.20
N ASN B 54 -39.08 19.98 16.61
CA ASN B 54 -39.02 20.55 15.27
C ASN B 54 -39.73 19.73 14.18
N GLY B 55 -39.77 18.41 14.35
CA GLY B 55 -40.44 17.57 13.39
C GLY B 55 -39.44 16.80 12.57
N ASN B 56 -38.19 17.11 12.80
CA ASN B 56 -37.11 16.30 12.30
C ASN B 56 -36.89 15.14 13.29
N LEU B 57 -35.89 14.32 13.01
CA LEU B 57 -35.74 13.01 13.63
C LEU B 57 -34.36 12.84 14.23
N GLN B 58 -34.33 12.46 15.50
CA GLN B 58 -33.10 12.05 16.18
C GLN B 58 -32.81 10.57 15.91
N TYR B 59 -31.57 10.26 15.51
CA TYR B 59 -31.17 8.89 15.25
C TYR B 59 -30.16 8.38 16.25
N ASP B 60 -30.29 7.09 16.57
CA ASP B 60 -29.25 6.33 17.24
C ASP B 60 -29.06 5.00 16.55
N LEU B 61 -27.82 4.71 16.13
CA LEU B 61 -27.46 3.49 15.38
C LEU B 61 -26.60 2.63 16.28
N HIS B 62 -27.03 1.38 16.48
CA HIS B 62 -26.27 0.43 17.31
C HIS B 62 -25.95 -0.74 16.41
N TYR B 63 -24.74 -1.27 16.56
CA TYR B 63 -24.43 -2.49 15.84
C TYR B 63 -24.14 -3.54 16.87
N TRP B 64 -24.84 -4.66 16.71
CA TRP B 64 -24.83 -5.71 17.73
C TRP B 64 -24.01 -6.89 17.25
N LEU B 65 -23.05 -7.27 18.09
CA LEU B 65 -22.10 -8.30 17.71
C LEU B 65 -22.18 -9.51 18.58
N GLY B 66 -22.63 -10.60 17.96
CA GLY B 66 -22.68 -11.93 18.56
C GLY B 66 -21.29 -12.49 18.78
N ASN B 67 -21.11 -13.16 19.91
CA ASN B 67 -19.82 -13.70 20.32
C ASN B 67 -19.22 -14.75 19.35
N GLU B 68 -20.10 -15.48 18.67
CA GLU B 68 -19.75 -16.51 17.69
C GLU B 68 -19.86 -16.01 16.25
N CYS B 69 -20.19 -14.74 16.08
CA CYS B 69 -20.36 -14.21 14.74
C CYS B 69 -19.04 -14.09 14.01
N SER B 70 -19.06 -14.36 12.70
CA SER B 70 -17.82 -14.45 11.91
C SER B 70 -17.29 -13.06 11.52
N GLN B 71 -16.04 -12.97 11.11
CA GLN B 71 -15.38 -11.69 11.01
C GLN B 71 -15.97 -10.76 9.96
N ASP B 72 -16.22 -11.28 8.77
CA ASP B 72 -16.99 -10.57 7.76
C ASP B 72 -18.30 -10.00 8.25
N GLU B 73 -19.02 -10.71 9.13
CA GLU B 73 -20.35 -10.22 9.51
C GLU B 73 -20.21 -9.03 10.41
N SER B 74 -19.37 -9.16 11.42
CA SER B 74 -19.16 -8.07 12.35
C SER B 74 -18.44 -6.91 11.70
N GLY B 75 -17.51 -7.18 10.80
CA GLY B 75 -16.87 -6.11 10.06
C GLY B 75 -17.93 -5.42 9.20
N ALA B 76 -18.78 -6.22 8.57
CA ALA B 76 -19.86 -5.68 7.74
C ALA B 76 -20.85 -4.81 8.53
N ALA B 77 -21.23 -5.23 9.74
CA ALA B 77 -22.10 -4.40 10.60
C ALA B 77 -21.55 -3.01 10.83
N ALA B 78 -20.25 -2.95 11.14
CA ALA B 78 -19.63 -1.70 11.49
C ALA B 78 -19.65 -0.75 10.31
N ILE B 79 -19.32 -1.30 9.16
CA ILE B 79 -19.35 -0.53 7.92
C ILE B 79 -20.76 -0.12 7.61
N PHE B 80 -21.69 -1.08 7.49
CA PHE B 80 -23.10 -0.68 7.27
C PHE B 80 -23.51 0.42 8.25
N THR B 81 -23.10 0.36 9.51
CA THR B 81 -23.44 1.42 10.44
C THR B 81 -22.96 2.74 9.87
N VAL B 82 -21.70 2.80 9.44
CA VAL B 82 -21.10 4.01 8.88
C VAL B 82 -21.85 4.54 7.65
N GLN B 83 -22.27 3.67 6.74
CA GLN B 83 -22.91 4.11 5.51
C GLN B 83 -24.33 4.61 5.77
N LEU B 84 -24.99 3.89 6.64
CA LEU B 84 -26.29 4.32 7.10
C LEU B 84 -26.17 5.70 7.73
N ASP B 85 -25.20 5.89 8.62
CA ASP B 85 -25.05 7.21 9.27
C ASP B 85 -24.78 8.30 8.21
N ASP B 86 -23.86 8.05 7.29
CA ASP B 86 -23.58 8.98 6.23
C ASP B 86 -24.84 9.37 5.48
N TYR B 87 -25.60 8.36 5.08
CA TYR B 87 -26.85 8.53 4.32
C TYR B 87 -27.86 9.41 5.04
N LEU B 88 -27.76 9.41 6.34
CA LEU B 88 -28.58 10.24 7.20
C LEU B 88 -27.89 11.58 7.42
N ASN B 89 -26.81 11.82 6.66
CA ASN B 89 -26.03 13.08 6.77
C ASN B 89 -25.32 13.24 8.10
N GLY B 90 -24.78 12.15 8.63
CA GLY B 90 -23.97 12.19 9.85
C GLY B 90 -24.71 12.48 11.15
N ARG B 91 -26.03 12.48 11.12
CA ARG B 91 -26.81 12.89 12.27
C ARG B 91 -27.05 11.79 13.33
N ALA B 92 -26.67 10.56 13.02
CA ALA B 92 -26.83 9.43 13.93
C ALA B 92 -25.62 9.30 14.81
N VAL B 93 -25.86 8.98 16.07
CA VAL B 93 -24.81 8.58 17.01
C VAL B 93 -24.58 7.10 16.92
N GLN B 94 -23.31 6.69 16.86
CA GLN B 94 -23.00 5.28 16.62
C GLN B 94 -22.65 4.58 17.91
N HIS B 95 -23.26 3.42 18.15
CA HIS B 95 -22.99 2.64 19.35
C HIS B 95 -22.57 1.22 19.00
N ARG B 96 -21.44 0.78 19.57
CA ARG B 96 -21.00 -0.60 19.43
C ARG B 96 -21.52 -1.39 20.63
N GLU B 97 -22.30 -2.43 20.36
CA GLU B 97 -22.91 -3.26 21.40
C GLU B 97 -22.47 -4.71 21.27
N VAL B 98 -21.66 -5.18 22.21
CA VAL B 98 -21.26 -6.57 22.25
C VAL B 98 -22.08 -7.33 23.28
N GLN B 99 -22.32 -8.59 22.90
CA GLN B 99 -23.10 -9.55 23.64
C GLN B 99 -22.55 -9.64 25.06
N GLY B 100 -23.42 -9.46 26.05
CA GLY B 100 -23.06 -9.54 27.45
C GLY B 100 -22.58 -8.26 28.08
N PHE B 101 -22.10 -7.37 27.24
CA PHE B 101 -21.76 -6.02 27.61
C PHE B 101 -22.71 -4.89 27.15
N GLU B 102 -23.88 -5.19 26.58
CA GLU B 102 -24.71 -4.16 25.96
C GLU B 102 -25.14 -2.98 26.84
N SER B 103 -25.28 -1.82 26.20
CA SER B 103 -25.71 -0.58 26.85
C SER B 103 -27.10 -0.76 27.41
N ALA B 104 -27.38 -0.05 28.50
CA ALA B 104 -28.69 -0.03 29.13
C ALA B 104 -29.75 0.58 28.22
N THR B 105 -29.37 1.58 27.44
CA THR B 105 -30.27 2.13 26.44
C THR B 105 -30.65 1.12 25.40
N PHE B 106 -29.65 0.38 24.93
CA PHE B 106 -29.91 -0.65 23.92
C PHE B 106 -30.90 -1.66 24.48
N LEU B 107 -30.57 -2.18 25.65
CA LEU B 107 -31.42 -3.15 26.34
C LEU B 107 -32.81 -2.59 26.63
N GLY B 108 -32.91 -1.27 26.84
CA GLY B 108 -34.19 -0.64 27.15
C GLY B 108 -35.13 -0.55 25.97
N TYR B 109 -34.67 -0.95 24.80
CA TYR B 109 -35.45 -0.88 23.56
C TYR B 109 -36.43 -2.01 23.44
N PHE B 110 -36.17 -3.10 24.17
CA PHE B 110 -37.05 -4.25 24.12
C PHE B 110 -37.80 -4.39 25.43
N LYS B 111 -39.09 -4.07 25.41
CA LYS B 111 -39.91 -4.01 26.63
C LYS B 111 -39.88 -5.39 27.22
N SER B 112 -40.00 -6.36 26.31
CA SER B 112 -40.09 -7.77 26.69
C SER B 112 -38.77 -8.40 27.08
N GLY B 113 -37.68 -7.70 26.78
CA GLY B 113 -36.37 -8.20 27.15
C GLY B 113 -35.70 -8.92 26.00
N LEU B 114 -34.38 -8.92 26.09
CA LEU B 114 -33.54 -9.39 25.02
C LEU B 114 -33.18 -10.84 25.22
N LYS B 115 -33.36 -11.65 24.17
CA LYS B 115 -32.99 -13.07 24.22
C LYS B 115 -31.80 -13.36 23.29
N TYR B 116 -30.91 -14.25 23.73
CA TYR B 116 -29.90 -14.81 22.84
C TYR B 116 -30.31 -16.20 22.38
N LYS B 117 -30.10 -16.49 21.12
CA LYS B 117 -30.32 -17.82 20.65
C LYS B 117 -29.08 -18.29 19.90
N LYS B 118 -28.62 -19.49 20.21
CA LYS B 118 -27.44 -20.02 19.54
C LYS B 118 -27.71 -20.21 18.05
N GLY B 119 -26.66 -20.02 17.25
CA GLY B 119 -26.73 -20.19 15.81
C GLY B 119 -26.77 -18.92 14.99
N GLY B 120 -26.92 -19.06 13.66
CA GLY B 120 -27.12 -17.94 12.75
C GLY B 120 -26.77 -18.28 11.32
N VAL B 121 -27.04 -17.37 10.40
CA VAL B 121 -26.66 -17.55 8.99
C VAL B 121 -25.14 -17.69 8.85
N ALA B 122 -24.73 -18.49 7.89
CA ALA B 122 -23.34 -18.82 7.67
C ALA B 122 -22.52 -17.68 7.03
N SER B 123 -21.22 -17.67 7.33
CA SER B 123 -20.34 -16.62 6.85
C SER B 123 -20.39 -16.45 5.36
N GLY B 124 -20.23 -15.21 4.91
CA GLY B 124 -20.29 -14.89 3.51
C GLY B 124 -18.94 -15.14 2.90
N PHE B 125 -17.94 -15.41 3.74
CA PHE B 125 -16.57 -15.63 3.26
C PHE B 125 -16.40 -16.91 2.46
N GLY B 126 -15.62 -16.81 1.38
CA GLY B 126 -15.02 -17.98 0.77
C GLY B 126 -13.71 -18.39 1.46
N LYS B 146 11.12 -22.64 -7.85
CA LYS B 146 11.39 -21.23 -7.62
C LYS B 146 12.88 -20.94 -7.86
N PRO B 147 13.26 -20.58 -9.11
CA PRO B 147 14.63 -20.71 -9.63
C PRO B 147 15.58 -19.50 -9.44
N VAL B 148 16.81 -19.61 -9.96
CA VAL B 148 17.85 -18.57 -9.80
C VAL B 148 18.84 -18.75 -11.02
N PRO B 149 20.00 -18.04 -11.07
CA PRO B 149 20.28 -17.05 -12.15
C PRO B 149 19.98 -17.19 -13.67
N ASP B 150 20.20 -18.30 -14.39
CA ASP B 150 20.28 -18.18 -15.88
C ASP B 150 19.16 -18.84 -16.73
N GLU B 151 18.48 -18.03 -17.54
CA GLU B 151 17.61 -18.56 -18.60
C GLU B 151 17.65 -17.77 -19.93
N GLU B 152 17.99 -18.49 -21.01
CA GLU B 152 17.77 -18.07 -22.42
C GLU B 152 18.32 -16.72 -22.95
N PRO B 153 19.63 -16.64 -23.22
CA PRO B 153 20.27 -15.39 -23.68
C PRO B 153 19.58 -14.70 -24.87
N ASN B 154 19.77 -13.38 -24.99
CA ASN B 154 19.19 -12.54 -26.04
C ASN B 154 19.90 -12.74 -27.37
N SER B 155 19.10 -13.13 -28.36
CA SER B 155 19.59 -13.60 -29.66
C SER B 155 19.60 -12.57 -30.79
N THR B 156 19.21 -11.32 -30.51
CA THR B 156 19.24 -10.28 -31.55
C THR B 156 20.64 -10.26 -32.17
N ASP B 157 20.71 -10.11 -33.49
CA ASP B 157 22.01 -9.85 -34.12
C ASP B 157 22.14 -8.36 -34.32
N VAL B 158 23.18 -7.81 -33.71
CA VAL B 158 23.37 -6.36 -33.64
C VAL B 158 23.57 -5.74 -35.02
N GLU B 159 24.57 -6.29 -35.71
CA GLU B 159 24.87 -5.98 -37.09
C GLU B 159 23.63 -6.01 -37.97
N GLU B 160 23.04 -7.21 -38.02
CA GLU B 160 21.88 -7.45 -38.83
C GLU B 160 20.83 -6.38 -38.59
N THR B 161 20.60 -6.09 -37.31
CA THR B 161 19.55 -5.16 -36.91
C THR B 161 19.90 -3.72 -37.22
N LEU B 162 21.14 -3.35 -36.91
CA LEU B 162 21.64 -2.03 -37.25
C LEU B 162 21.42 -1.76 -38.73
N GLU B 163 21.83 -2.74 -39.53
CA GLU B 163 21.55 -2.71 -40.96
C GLU B 163 20.09 -2.38 -41.15
N ARG B 164 19.22 -3.24 -40.63
CA ARG B 164 17.80 -3.14 -40.89
C ARG B 164 17.25 -1.79 -40.58
N ILE B 165 17.89 -1.01 -39.70
CA ILE B 165 17.36 0.32 -39.34
C ILE B 165 17.69 1.33 -40.42
N LYS B 166 18.91 1.22 -40.97
CA LYS B 166 19.31 2.06 -42.08
C LYS B 166 18.35 1.96 -43.27
N ASN B 167 17.89 0.75 -43.58
CA ASN B 167 17.07 0.56 -44.77
C ASN B 167 15.60 0.91 -44.53
N ASN B 168 15.27 1.35 -43.31
CA ASN B 168 13.90 1.68 -42.92
C ASN B 168 12.96 0.50 -42.99
N ASP B 169 13.43 -0.65 -42.50
CA ASP B 169 12.64 -1.89 -42.58
C ASP B 169 11.37 -1.80 -41.77
N PRO B 170 10.21 -1.84 -42.44
CA PRO B 170 8.95 -1.74 -41.68
C PRO B 170 8.65 -2.98 -40.81
N LYS B 171 9.33 -4.10 -41.02
CA LYS B 171 9.19 -5.25 -40.12
C LYS B 171 9.82 -5.04 -38.75
N LEU B 172 10.65 -3.99 -38.61
CA LEU B 172 11.29 -3.73 -37.33
C LEU B 172 10.55 -2.58 -36.65
N GLU B 173 9.68 -2.94 -35.69
CA GLU B 173 9.04 -1.99 -34.82
C GLU B 173 9.61 -1.95 -33.40
N GLU B 174 10.51 -2.87 -33.11
CA GLU B 174 11.02 -3.06 -31.77
C GLU B 174 12.47 -3.42 -31.87
N VAL B 175 13.31 -2.77 -31.07
CA VAL B 175 14.73 -3.10 -31.00
C VAL B 175 15.19 -3.35 -29.56
N ASN B 176 15.52 -4.59 -29.21
CA ASN B 176 15.98 -4.90 -27.87
C ASN B 176 17.42 -5.41 -27.76
N LEU B 177 18.32 -4.56 -27.30
CA LEU B 177 19.71 -4.95 -27.08
C LEU B 177 19.98 -5.33 -25.63
N ASN B 178 18.95 -5.43 -24.81
CA ASN B 178 19.15 -5.66 -23.39
C ASN B 178 20.09 -6.82 -23.08
N ASN B 179 21.05 -6.56 -22.21
CA ASN B 179 21.89 -7.59 -21.62
C ASN B 179 22.99 -8.10 -22.57
N ILE B 180 22.96 -7.60 -23.80
CA ILE B 180 23.96 -7.93 -24.77
C ILE B 180 25.26 -7.34 -24.29
N ARG B 181 26.22 -8.24 -24.07
CA ARG B 181 27.55 -7.87 -23.62
C ARG B 181 28.45 -7.44 -24.78
N ASN B 182 29.43 -6.61 -24.49
CA ASN B 182 30.52 -6.35 -25.42
C ASN B 182 30.18 -5.65 -26.75
N ILE B 183 29.07 -4.92 -26.84
CA ILE B 183 28.81 -4.10 -28.04
C ILE B 183 29.72 -2.89 -28.07
N PRO B 184 30.34 -2.62 -29.23
CA PRO B 184 31.19 -1.43 -29.24
C PRO B 184 30.38 -0.10 -29.22
N ILE B 185 30.91 0.84 -28.42
CA ILE B 185 30.31 2.16 -28.23
C ILE B 185 30.00 2.87 -29.54
N PRO B 186 30.92 2.83 -30.51
CA PRO B 186 30.63 3.51 -31.77
C PRO B 186 29.52 2.81 -32.56
N THR B 187 29.27 1.54 -32.26
CA THR B 187 28.13 0.85 -32.87
C THR B 187 26.83 1.32 -32.22
N LEU B 188 26.80 1.29 -30.89
CA LEU B 188 25.69 1.92 -30.18
C LEU B 188 25.51 3.34 -30.70
N LYS B 189 26.58 4.12 -30.79
CA LYS B 189 26.47 5.45 -31.37
C LYS B 189 25.86 5.39 -32.76
N ALA B 190 26.17 4.32 -33.48
CA ALA B 190 25.75 4.17 -34.85
C ALA B 190 24.26 3.89 -34.93
N TYR B 191 23.77 3.03 -34.03
CA TYR B 191 22.33 2.83 -33.86
C TYR B 191 21.60 4.16 -33.74
N ALA B 192 22.09 5.04 -32.87
CA ALA B 192 21.46 6.34 -32.75
C ALA B 192 21.50 7.05 -34.08
N GLU B 193 22.66 7.09 -34.71
CA GLU B 193 22.77 7.73 -36.02
C GLU B 193 21.78 7.09 -36.99
N ALA B 194 21.63 5.78 -36.91
CA ALA B 194 20.70 5.09 -37.81
C ALA B 194 19.24 5.39 -37.46
N LEU B 195 18.91 5.49 -36.17
CA LEU B 195 17.51 5.69 -35.78
C LEU B 195 17.01 7.07 -36.16
N LYS B 196 17.92 7.95 -36.56
CA LYS B 196 17.62 9.36 -36.81
C LYS B 196 16.43 9.70 -37.71
N GLU B 197 16.42 9.17 -38.93
CA GLU B 197 15.26 9.32 -39.82
C GLU B 197 14.29 8.13 -39.87
N ASN B 198 14.53 7.05 -39.14
CA ASN B 198 13.61 5.90 -39.10
C ASN B 198 12.17 6.26 -38.73
N SER B 199 11.23 5.83 -39.55
CA SER B 199 9.81 5.94 -39.24
C SER B 199 9.13 4.67 -38.68
N TYR B 200 9.83 3.55 -38.63
CA TYR B 200 9.22 2.32 -38.09
C TYR B 200 9.56 1.83 -36.68
N VAL B 201 10.51 2.43 -35.97
CA VAL B 201 10.92 1.87 -34.68
C VAL B 201 10.28 2.62 -33.51
N LYS B 202 9.30 2.03 -32.85
CA LYS B 202 8.63 2.75 -31.79
C LYS B 202 9.31 2.57 -30.42
N LYS B 203 10.15 1.54 -30.31
CA LYS B 203 10.71 1.11 -29.04
C LYS B 203 12.18 0.77 -29.19
N PHE B 204 12.98 1.06 -28.17
CA PHE B 204 14.40 0.86 -28.25
C PHE B 204 14.99 0.64 -26.88
N ALA B 205 15.38 -0.60 -26.62
CA ALA B 205 15.83 -1.04 -25.31
C ALA B 205 17.25 -1.52 -25.41
N LEU B 206 18.17 -0.71 -24.90
CA LEU B 206 19.58 -1.04 -24.65
C LEU B 206 20.02 -1.35 -23.21
N ALA B 207 19.11 -1.64 -22.30
CA ALA B 207 19.53 -1.88 -20.91
C ALA B 207 20.71 -2.85 -20.75
N ASN B 208 21.56 -2.54 -19.79
CA ASN B 208 22.73 -3.35 -19.46
C ASN B 208 23.65 -3.66 -20.65
N THR B 209 23.90 -2.66 -21.48
CA THR B 209 24.88 -2.71 -22.55
C THR B 209 26.26 -2.06 -22.26
N ARG B 210 26.50 -1.57 -21.05
CA ARG B 210 27.70 -0.78 -20.72
C ARG B 210 27.74 0.52 -21.51
N ALA B 211 26.59 0.98 -21.96
CA ALA B 211 26.52 2.25 -22.66
C ALA B 211 26.93 3.41 -21.73
N ASP B 212 27.37 4.52 -22.32
CA ASP B 212 27.92 5.64 -21.58
C ASP B 212 27.46 6.98 -22.15
N ASP B 213 28.06 8.07 -21.65
CA ASP B 213 27.61 9.42 -22.02
C ASP B 213 27.69 9.71 -23.52
N HIS B 214 28.68 9.14 -24.18
CA HIS B 214 28.80 9.34 -25.61
C HIS B 214 27.54 8.81 -26.28
N VAL B 215 27.16 7.60 -25.88
CA VAL B 215 25.93 6.98 -26.36
C VAL B 215 24.71 7.84 -26.04
N ALA B 216 24.71 8.39 -24.84
CA ALA B 216 23.61 9.26 -24.39
C ALA B 216 23.57 10.56 -25.19
N PHE B 217 24.74 11.13 -25.48
CA PHE B 217 24.84 12.30 -26.34
C PHE B 217 24.22 12.04 -27.73
N ALA B 218 24.70 10.95 -28.36
CA ALA B 218 24.19 10.52 -29.66
C ALA B 218 22.69 10.39 -29.63
N ILE B 219 22.20 9.65 -28.66
CA ILE B 219 20.76 9.50 -28.47
C ILE B 219 20.04 10.86 -28.36
N ALA B 220 20.67 11.81 -27.68
CA ALA B 220 20.06 13.12 -27.50
C ALA B 220 19.93 13.79 -28.86
N ILE B 221 21.04 13.82 -29.62
CA ILE B 221 20.98 14.35 -30.99
C ILE B 221 19.86 13.69 -31.78
N MET B 222 19.85 12.36 -31.72
CA MET B 222 18.86 11.56 -32.43
C MET B 222 17.44 12.04 -32.15
N LEU B 223 17.16 12.32 -30.86
CA LEU B 223 15.80 12.63 -30.40
C LEU B 223 15.25 13.98 -30.84
N LYS B 224 16.13 14.90 -31.20
CA LYS B 224 15.70 16.15 -31.83
C LYS B 224 15.03 15.91 -33.18
N ALA B 225 15.66 15.08 -34.02
CA ALA B 225 15.15 14.74 -35.35
C ALA B 225 14.09 13.67 -35.37
N ASN B 226 14.26 12.62 -34.57
CA ASN B 226 13.37 11.46 -34.62
C ASN B 226 11.95 11.74 -34.09
N LYS B 227 10.98 11.51 -34.97
CA LYS B 227 9.54 11.65 -34.74
C LYS B 227 8.73 10.36 -34.47
N THR B 228 9.40 9.24 -34.30
CA THR B 228 8.74 7.92 -34.29
C THR B 228 8.87 7.19 -32.94
N ILE B 229 10.09 6.97 -32.41
CA ILE B 229 10.26 6.22 -31.15
C ILE B 229 9.47 6.78 -29.96
N THR B 230 8.58 5.98 -29.36
CA THR B 230 7.88 6.43 -28.18
C THR B 230 8.49 5.97 -26.88
N SER B 231 9.40 5.00 -26.94
CA SER B 231 9.88 4.36 -25.71
C SER B 231 11.36 4.04 -25.78
N LEU B 232 12.13 4.53 -24.80
CA LEU B 232 13.58 4.31 -24.80
C LEU B 232 14.05 3.80 -23.45
N ASN B 233 14.84 2.72 -23.41
CA ASN B 233 15.27 2.14 -22.13
C ASN B 233 16.78 2.07 -22.02
N LEU B 234 17.32 2.90 -21.17
CA LEU B 234 18.74 2.99 -20.81
C LEU B 234 19.16 2.31 -19.50
N ASP B 235 18.30 1.51 -18.89
CA ASP B 235 18.58 0.98 -17.57
C ASP B 235 19.95 0.29 -17.41
N SER B 236 20.54 0.40 -16.23
CA SER B 236 21.68 -0.41 -15.86
C SER B 236 22.92 -0.12 -16.70
N ASN B 237 23.09 1.13 -17.03
CA ASN B 237 24.21 1.57 -17.82
C ASN B 237 25.13 2.50 -17.07
N HIS B 238 26.13 3.01 -17.77
CA HIS B 238 27.18 3.84 -17.21
C HIS B 238 26.91 5.30 -17.48
N ILE B 239 25.74 5.59 -18.01
CA ILE B 239 25.39 6.98 -18.29
C ILE B 239 25.47 7.80 -17.00
N THR B 240 25.81 9.06 -17.17
CA THR B 240 26.10 9.94 -16.08
C THR B 240 25.09 11.10 -16.19
N GLY B 241 25.16 12.04 -15.26
CA GLY B 241 24.29 13.19 -15.28
C GLY B 241 24.35 14.02 -16.53
N LYS B 242 25.51 14.13 -17.19
CA LYS B 242 25.54 14.97 -18.39
C LYS B 242 24.91 14.23 -19.58
N GLY B 243 24.98 12.89 -19.54
CA GLY B 243 24.29 12.08 -20.53
C GLY B 243 22.81 12.19 -20.33
N ILE B 244 22.38 11.94 -19.10
CA ILE B 244 20.98 12.03 -18.72
C ILE B 244 20.44 13.39 -19.13
N LEU B 245 21.04 14.42 -18.58
CA LEU B 245 20.57 15.76 -18.83
C LEU B 245 20.51 16.12 -20.32
N ALA B 246 21.55 15.76 -21.07
CA ALA B 246 21.61 16.03 -22.51
C ALA B 246 20.36 15.48 -23.21
N ILE B 247 19.98 14.27 -22.82
CA ILE B 247 18.71 13.73 -23.30
C ILE B 247 17.52 14.58 -22.90
N PHE B 248 17.47 15.03 -21.66
CA PHE B 248 16.31 15.84 -21.23
C PHE B 248 16.22 17.22 -21.88
N ARG B 249 17.36 17.85 -22.21
CA ARG B 249 17.31 19.06 -23.04
C ARG B 249 16.78 18.71 -24.41
N ALA B 250 17.31 17.64 -24.99
CA ALA B 250 16.85 17.21 -26.29
C ALA B 250 15.33 17.11 -26.32
N LEU B 251 14.75 16.58 -25.26
CA LEU B 251 13.30 16.28 -25.24
C LEU B 251 12.48 17.56 -25.32
N LEU B 252 13.15 18.71 -25.23
CA LEU B 252 12.52 20.00 -25.53
C LEU B 252 12.07 20.12 -26.98
N GLN B 253 12.80 19.44 -27.87
CA GLN B 253 12.48 19.45 -29.28
C GLN B 253 11.67 18.22 -29.73
N ASN B 254 11.32 17.36 -28.78
CA ASN B 254 10.69 16.09 -29.09
C ASN B 254 9.33 15.94 -28.46
N ASN B 255 8.30 15.89 -29.29
CA ASN B 255 6.95 15.62 -28.80
C ASN B 255 6.48 14.18 -28.96
N THR B 256 7.31 13.31 -29.50
CA THR B 256 6.95 11.91 -29.62
C THR B 256 7.18 10.99 -28.43
N LEU B 257 8.29 11.17 -27.70
CA LEU B 257 8.68 10.19 -26.69
C LEU B 257 7.82 10.31 -25.42
N THR B 258 7.08 9.25 -25.15
CA THR B 258 6.25 9.16 -23.96
C THR B 258 6.88 8.42 -22.74
N GLU B 259 7.96 7.68 -22.97
CA GLU B 259 8.49 6.82 -21.93
C GLU B 259 9.99 6.78 -22.00
N LEU B 260 10.62 6.93 -20.85
CA LEU B 260 12.07 6.93 -20.74
C LEU B 260 12.49 6.29 -19.43
N ARG B 261 13.44 5.36 -19.47
CA ARG B 261 13.90 4.65 -18.28
C ARG B 261 15.46 4.59 -18.21
N PHE B 262 16.03 5.30 -17.24
CA PHE B 262 17.45 5.21 -16.85
C PHE B 262 17.77 4.54 -15.51
N HIS B 263 16.91 3.70 -14.96
CA HIS B 263 17.19 3.09 -13.66
C HIS B 263 18.60 2.52 -13.57
N ASN B 264 19.19 2.60 -12.40
CA ASN B 264 20.34 1.75 -12.06
C ASN B 264 21.64 2.01 -12.84
N GLN B 265 21.95 3.26 -13.14
CA GLN B 265 23.22 3.58 -13.73
C GLN B 265 24.31 3.20 -12.71
N ARG B 266 25.54 2.96 -13.16
CA ARG B 266 26.61 2.59 -12.21
C ARG B 266 26.84 3.66 -11.13
N HIS B 267 26.91 4.92 -11.53
CA HIS B 267 27.01 6.01 -10.59
C HIS B 267 25.77 6.89 -10.65
N ILE B 268 25.20 7.15 -9.47
CA ILE B 268 24.04 8.00 -9.39
C ILE B 268 24.45 9.43 -9.69
N CYS B 269 23.59 10.09 -10.45
CA CYS B 269 23.61 11.51 -10.51
C CYS B 269 23.19 12.00 -9.13
N GLY B 270 23.51 13.24 -8.80
CA GLY B 270 23.16 13.77 -7.50
C GLY B 270 22.04 14.77 -7.65
N GLY B 271 21.93 15.62 -6.64
CA GLY B 271 20.78 16.47 -6.50
C GLY B 271 20.63 17.52 -7.56
N LYS B 272 21.73 18.14 -7.99
CA LYS B 272 21.63 19.23 -8.96
C LYS B 272 21.20 18.66 -10.32
N THR B 273 21.51 17.39 -10.53
CA THR B 273 20.99 16.64 -11.68
C THR B 273 19.48 16.36 -11.54
N GLU B 274 19.04 15.75 -10.43
CA GLU B 274 17.60 15.60 -10.16
C GLU B 274 16.84 16.93 -10.28
N MET B 275 17.44 18.01 -9.79
CA MET B 275 16.79 19.32 -9.87
C MET B 275 16.65 19.77 -11.32
N GLU B 276 17.73 19.61 -12.08
CA GLU B 276 17.77 20.04 -13.48
C GLU B 276 16.79 19.23 -14.31
N ILE B 277 16.70 17.92 -14.01
CA ILE B 277 15.68 17.09 -14.63
C ILE B 277 14.27 17.66 -14.45
N ALA B 278 13.87 17.86 -13.18
CA ALA B 278 12.53 18.34 -12.88
C ALA B 278 12.27 19.73 -13.48
N LYS B 279 13.34 20.50 -13.61
CA LYS B 279 13.27 21.82 -14.26
C LYS B 279 13.02 21.66 -15.76
N LEU B 280 13.84 20.83 -16.39
CA LEU B 280 13.82 20.64 -17.83
C LEU B 280 12.52 20.09 -18.34
N LEU B 281 11.82 19.39 -17.48
CA LEU B 281 10.66 18.67 -17.92
C LEU B 281 9.43 19.58 -17.83
N LYS B 282 9.60 20.74 -17.18
CA LYS B 282 8.46 21.69 -17.03
C LYS B 282 7.87 22.01 -18.42
N GLU B 283 8.72 22.16 -19.44
CA GLU B 283 8.21 22.54 -20.75
C GLU B 283 7.92 21.38 -21.70
N ASN B 284 8.23 20.16 -21.26
CA ASN B 284 7.77 18.98 -21.97
C ASN B 284 6.32 18.65 -21.64
N THR B 285 5.48 18.62 -22.67
CA THR B 285 4.04 18.39 -22.57
C THR B 285 3.68 16.94 -22.88
N THR B 286 4.70 16.15 -23.13
CA THR B 286 4.62 14.94 -23.93
C THR B 286 4.92 13.63 -23.18
N LEU B 287 6.09 13.56 -22.56
CA LEU B 287 6.50 12.38 -21.81
C LEU B 287 5.46 12.00 -20.74
N LEU B 288 4.97 10.76 -20.81
CA LEU B 288 4.10 10.22 -19.78
C LEU B 288 4.71 9.35 -18.68
N LYS B 289 5.91 8.82 -18.89
CA LYS B 289 6.45 7.88 -17.91
C LYS B 289 7.94 8.09 -17.82
N LEU B 290 8.47 8.11 -16.59
CA LEU B 290 9.88 8.20 -16.35
C LEU B 290 10.39 7.13 -15.38
N GLY B 291 11.12 6.13 -15.84
CA GLY B 291 11.78 5.29 -14.87
C GLY B 291 13.01 5.96 -14.31
N TYR B 292 13.01 6.28 -13.03
CA TYR B 292 14.23 6.60 -12.34
C TYR B 292 13.95 6.50 -10.83
N HIS B 293 14.97 6.27 -10.01
CA HIS B 293 14.76 6.35 -8.58
C HIS B 293 15.37 7.65 -8.10
N PHE B 294 14.51 8.64 -7.86
CA PHE B 294 14.89 9.89 -7.20
C PHE B 294 15.26 9.65 -5.73
N GLU B 295 16.42 10.14 -5.36
CA GLU B 295 16.81 10.23 -3.96
C GLU B 295 16.06 11.35 -3.22
N LEU B 296 15.82 12.47 -3.86
CA LEU B 296 15.22 13.61 -3.21
C LEU B 296 13.73 13.70 -3.54
N ALA B 297 12.91 13.98 -2.53
CA ALA B 297 11.46 13.96 -2.65
C ALA B 297 10.92 15.18 -3.42
N GLY B 298 11.61 16.30 -3.28
CA GLY B 298 11.23 17.52 -3.95
C GLY B 298 11.13 17.43 -5.47
N PRO B 299 12.22 17.03 -6.15
CA PRO B 299 12.14 16.77 -7.59
C PRO B 299 11.22 15.59 -7.91
N ARG B 300 11.31 14.55 -7.07
CA ARG B 300 10.53 13.34 -7.23
C ARG B 300 9.08 13.70 -7.35
N MET B 301 8.61 14.57 -6.45
CA MET B 301 7.23 15.09 -6.51
C MET B 301 6.93 15.99 -7.70
N THR B 302 7.82 16.95 -7.97
CA THR B 302 7.67 17.85 -9.12
C THR B 302 7.48 17.06 -10.41
N VAL B 303 8.34 16.07 -10.61
CA VAL B 303 8.29 15.27 -11.81
C VAL B 303 6.98 14.50 -11.83
N THR B 304 6.57 13.96 -10.69
CA THR B 304 5.32 13.24 -10.63
C THR B 304 4.15 14.17 -10.98
N ASN B 305 4.13 15.39 -10.44
CA ASN B 305 3.07 16.28 -10.86
C ASN B 305 3.12 16.52 -12.40
N LEU B 306 4.31 16.73 -12.98
CA LEU B 306 4.38 17.01 -14.43
C LEU B 306 3.85 15.86 -15.31
N LEU B 307 4.34 14.67 -15.05
CA LEU B 307 3.86 13.49 -15.75
C LEU B 307 2.35 13.34 -15.59
N SER B 308 1.82 13.78 -14.44
CA SER B 308 0.41 13.61 -14.13
C SER B 308 -0.39 14.63 -14.90
N ARG B 309 0.15 15.83 -15.04
CA ARG B 309 -0.41 16.85 -15.94
C ARG B 309 -0.41 16.38 -17.41
N ASN B 310 0.74 15.98 -17.95
CA ASN B 310 0.81 15.46 -19.33
C ASN B 310 -0.13 14.30 -19.62
N MET B 311 -0.35 13.49 -18.60
CA MET B 311 -1.23 12.34 -18.70
CA MET B 311 -1.21 12.34 -18.79
C MET B 311 -2.65 12.79 -18.88
N ASP B 312 -3.01 13.79 -18.08
CA ASP B 312 -4.39 14.28 -18.11
C ASP B 312 -4.78 15.04 -19.38
N LYS B 313 -3.81 15.67 -20.04
CA LYS B 313 -4.03 16.28 -21.35
C LYS B 313 -4.44 15.18 -22.32
N GLN B 314 -3.78 14.03 -22.26
CA GLN B 314 -4.21 12.88 -23.07
C GLN B 314 -5.62 12.45 -22.72
N ARG B 315 -6.11 12.81 -21.56
CA ARG B 315 -7.50 12.57 -21.25
C ARG B 315 -8.39 13.73 -21.68
N GLN B 316 -7.80 14.90 -21.89
CA GLN B 316 -8.58 16.10 -22.22
C GLN B 316 -9.00 16.05 -23.69
N LYS B 317 -8.03 15.72 -24.53
CA LYS B 317 -8.22 15.38 -25.92
C LYS B 317 -9.28 14.35 -26.10
N ARG B 318 -8.93 13.21 -25.52
CA ARG B 318 -9.67 11.97 -25.61
C ARG B 318 -11.12 12.24 -25.29
N LEU B 319 -11.35 13.17 -24.35
CA LEU B 319 -12.69 13.61 -24.01
C LEU B 319 -13.31 14.47 -25.13
N GLN B 320 -12.63 15.52 -25.59
CA GLN B 320 -13.12 16.35 -26.69
C GLN B 320 -13.21 15.53 -27.98
N GLU B 321 -12.37 14.51 -28.10
CA GLU B 321 -12.57 13.45 -29.08
C GLU B 321 -13.94 12.77 -28.84
N GLN B 322 -14.17 12.33 -27.61
CA GLN B 322 -15.39 11.63 -27.22
C GLN B 322 -16.60 12.56 -27.22
N ARG B 323 -16.31 13.85 -27.18
CA ARG B 323 -17.33 14.87 -26.99
C ARG B 323 -17.93 15.30 -28.33
N GLN B 324 -17.53 14.58 -29.39
CA GLN B 324 -17.83 14.91 -30.78
C GLN B 324 -18.95 14.06 -31.41
N ALA B 325 -18.80 12.74 -31.38
CA ALA B 325 -19.55 11.80 -32.21
C ALA B 325 -21.09 11.99 -32.16
N GLN B 326 -21.56 12.73 -31.15
CA GLN B 326 -22.98 13.02 -30.90
C GLN B 326 -23.87 11.74 -30.88
PG ATP C . 4.14 -0.95 5.78
O1G ATP C . 5.13 -0.28 6.60
O2G ATP C . 4.14 -0.37 4.44
O3G ATP C . 2.82 -1.18 6.42
PB ATP C . 3.96 -3.73 5.00
O1B ATP C . 2.48 -3.46 4.75
O2B ATP C . 4.82 -4.31 3.89
O3B ATP C . 4.67 -2.41 5.65
PA ATP C . 3.16 -5.76 6.74
O1A ATP C . 2.04 -5.37 7.69
O2A ATP C . 2.95 -6.60 5.48
O3A ATP C . 4.09 -4.53 6.36
O5' ATP C . 4.24 -6.51 7.73
C5' ATP C . 5.44 -7.09 7.30
C4' ATP C . 6.48 -6.69 8.30
O4' ATP C . 6.17 -7.39 9.48
C3' ATP C . 7.93 -7.06 7.97
O3' ATP C . 8.82 -6.10 8.57
C2' ATP C . 8.25 -8.26 8.81
O2' ATP C . 9.62 -8.34 9.27
C1' ATP C . 7.40 -7.90 9.99
N9 ATP C . 7.08 -9.09 10.74
C8 ATP C . 6.48 -10.14 10.19
N7 ATP C . 6.27 -11.09 11.13
C5 ATP C . 6.77 -10.61 12.26
C6 ATP C . 6.89 -11.14 13.61
N6 ATP C . 6.38 -12.35 13.84
N1 ATP C . 7.47 -10.37 14.53
C2 ATP C . 7.93 -9.16 14.22
N3 ATP C . 7.88 -8.61 13.00
C4 ATP C . 7.32 -9.29 12.01
H5'1 ATP C . 5.70 -6.72 6.30
H5'2 ATP C . 5.34 -8.18 7.25
H4' ATP C . 6.42 -5.61 8.48
H3' ATP C . 8.10 -7.24 6.89
H2' ATP C . 7.91 -9.18 8.34
HO2' ATP C . 10.21 -8.40 8.51
H1' ATP C . 7.91 -7.16 10.63
H8 ATP C . 6.17 -10.20 9.16
HN61 ATP C . 5.96 -12.87 13.10
HN62 ATP C . 6.44 -12.75 14.77
H2 ATP C . 8.40 -8.58 15.01
CA CA D . 0.81 -1.89 5.26
CA CA E . -22.82 10.90 13.16
CA CA F . -23.18 -15.88 11.26
#